data_1R6B
#
_entry.id   1R6B
#
_cell.length_a   124.110
_cell.length_b   124.110
_cell.length_c   97.049
_cell.angle_alpha   90.00
_cell.angle_beta   90.00
_cell.angle_gamma   120.00
#
_symmetry.space_group_name_H-M   'P 65'
#
loop_
_entity.id
_entity.type
_entity.pdbx_description
1 polymer 'ClpA protein'
2 non-polymer 'MAGNESIUM ION'
3 non-polymer "ADENOSINE-5'-DIPHOSPHATE"
4 water water
#
_entity_poly.entity_id   1
_entity_poly.type   'polypeptide(L)'
_entity_poly.pdbx_seq_one_letter_code
;MLNQELELSLNMAFARAREHRHEFMTVEHLLLALLSNPSAREALEACSVDLVALRQELEAFIEQTTPVLPASEEERDTQP
TLSFQRVLQRAVFHVQSSGRNEVTGANVLVAIFSEQESQAAYLLRKHEVSRLDVVNFISHGTRKDEPTQSSDPGSQPNSE
EQAGGEERLENFTTNLNQLARVGGIDPLIGREKELERAIQVLCRRRKNNPLLVGESGVGKTAIAEGLAWRIVQGDVPEVM
ADCTIYSLDIGSLLAGTKYRGDFEKRFKALLKQLEQDTNSILFIDEIHTIIGAGAASGGQVDAANLIKPLLSSGKIRVIG
STTYQEFSNIFEKDRALARRFQKIDITEPSIEETVQIINGLKPKYEAHHDVRYTAKAVRAAVELAVKYINDRHLPDKAID
VIDEAGARARLMPVSKRKKTVNVADIESVVARIARIPEKSVSQSDRDTLKNLGDRLKMLVFGQDKAIEALTEAIKMARAG
LGHEHKPVGSFLFAGPTGVGKTEVTVQLSKALGIELLRFDMSEYMERHTVSRLIGAPPGYVGFDQGGLLTDAVIKHPHAV
LLLDEIEKAHPDVFNILLQVMDNGTLTDNNGRKADFRNVVLVMTTNAGVRETERKSIGLIHQDNSTDAMEEIKKIFTPEF
RNRLDNIIWFDHLSTDVIHQVVDKFIVELQVQLDQKGVSLEVSQEARNWLAEKGYDRAMGARPMARVIQDNLKKPLANEL
LFGSLVDGGQVTVALDKEKNELTYGFQSAQKHKAEAAH
;
_entity_poly.pdbx_strand_id   X
#
loop_
_chem_comp.id
_chem_comp.type
_chem_comp.name
_chem_comp.formula
ADP non-polymer ADENOSINE-5'-DIPHOSPHATE 'C10 H15 N5 O10 P2'
MG non-polymer 'MAGNESIUM ION' 'Mg 2'
#
# COMPACT_ATOMS: atom_id res chain seq x y z
N MET A 1 -50.78 31.14 10.25
CA MET A 1 -50.07 31.58 11.46
C MET A 1 -48.56 31.67 11.19
N LEU A 2 -48.08 30.88 10.22
CA LEU A 2 -46.66 30.87 9.86
C LEU A 2 -46.40 31.70 8.56
N ASN A 3 -45.24 32.36 8.50
CA ASN A 3 -44.81 33.15 7.30
C ASN A 3 -44.80 32.33 6.04
N GLN A 4 -44.79 33.03 4.91
CA GLN A 4 -44.69 32.40 3.62
C GLN A 4 -43.28 31.81 3.52
N GLU A 5 -42.30 32.59 3.96
CA GLU A 5 -40.90 32.17 3.92
C GLU A 5 -40.62 31.00 4.85
N LEU A 6 -41.25 31.03 6.03
CA LEU A 6 -41.07 29.95 7.02
C LEU A 6 -41.66 28.67 6.46
N GLU A 7 -42.87 28.78 5.91
CA GLU A 7 -43.55 27.62 5.36
C GLU A 7 -42.81 27.05 4.15
N LEU A 8 -42.07 27.93 3.46
CA LEU A 8 -41.26 27.50 2.33
C LEU A 8 -40.07 26.74 2.86
N SER A 9 -39.44 27.30 3.89
CA SER A 9 -38.27 26.68 4.52
C SER A 9 -38.63 25.31 5.08
N LEU A 10 -39.87 25.18 5.56
CA LEU A 10 -40.35 23.92 6.08
C LEU A 10 -40.50 22.92 4.94
N ASN A 11 -41.06 23.38 3.81
CA ASN A 11 -41.26 22.53 2.62
C ASN A 11 -39.96 22.05 2.01
N MET A 12 -38.97 22.95 1.93
CA MET A 12 -37.65 22.62 1.38
C MET A 12 -36.94 21.60 2.29
N ALA A 13 -37.17 21.70 3.59
CA ALA A 13 -36.59 20.76 4.55
C ALA A 13 -37.37 19.46 4.50
N PHE A 14 -38.65 19.55 4.19
CA PHE A 14 -39.48 18.36 4.04
C PHE A 14 -39.08 17.67 2.75
N ALA A 15 -38.71 18.46 1.74
CA ALA A 15 -38.29 17.92 0.45
C ALA A 15 -37.00 17.15 0.59
N ARG A 16 -36.01 17.75 1.26
CA ARG A 16 -34.72 17.11 1.46
C ARG A 16 -34.83 15.80 2.29
N ALA A 17 -35.78 15.76 3.19
CA ALA A 17 -35.97 14.60 4.06
C ALA A 17 -36.59 13.39 3.35
N ARG A 18 -37.24 13.61 2.22
CA ARG A 18 -37.88 12.52 1.48
C ARG A 18 -37.03 12.01 0.34
N GLU A 19 -35.93 12.72 0.05
CA GLU A 19 -34.99 12.28 -0.99
C GLU A 19 -33.78 11.65 -0.35
N HIS A 20 -33.55 12.00 0.92
CA HIS A 20 -32.50 11.39 1.71
C HIS A 20 -33.18 10.22 2.38
N ARG A 21 -34.52 10.23 2.29
CA ARG A 21 -35.39 9.22 2.86
C ARG A 21 -35.28 9.06 4.40
N HIS A 22 -35.20 10.21 5.09
CA HIS A 22 -35.14 10.24 6.53
C HIS A 22 -36.50 9.85 7.12
N GLU A 23 -36.48 9.06 8.17
CA GLU A 23 -37.69 8.63 8.82
C GLU A 23 -38.26 9.74 9.72
N PHE A 24 -37.37 10.51 10.32
CA PHE A 24 -37.80 11.56 11.21
C PHE A 24 -37.36 12.93 10.76
N MET A 25 -38.21 13.90 11.02
CA MET A 25 -37.92 15.27 10.75
C MET A 25 -37.68 15.85 12.17
N THR A 26 -36.42 16.20 12.46
CA THR A 26 -36.04 16.65 13.82
C THR A 26 -35.80 18.14 13.97
N VAL A 27 -35.44 18.54 15.19
CA VAL A 27 -35.17 19.95 15.50
C VAL A 27 -33.93 20.42 14.77
N GLU A 28 -32.99 19.50 14.57
CA GLU A 28 -31.74 19.80 13.87
C GLU A 28 -32.03 20.02 12.39
N HIS A 29 -33.02 19.28 11.87
CA HIS A 29 -33.47 19.47 10.47
C HIS A 29 -34.04 20.88 10.37
N LEU A 30 -34.81 21.24 11.39
CA LEU A 30 -35.46 22.55 11.46
C LEU A 30 -34.43 23.68 11.43
N LEU A 31 -33.43 23.63 12.33
CA LEU A 31 -32.37 24.65 12.39
C LEU A 31 -31.65 24.72 11.02
N LEU A 32 -31.37 23.55 10.44
CA LEU A 32 -30.73 23.49 9.13
C LEU A 32 -31.54 24.26 8.10
N ALA A 33 -32.84 23.96 8.03
CA ALA A 33 -33.74 24.68 7.11
C ALA A 33 -33.71 26.18 7.41
N LEU A 34 -33.67 26.55 8.69
CA LEU A 34 -33.62 27.96 9.08
C LEU A 34 -32.41 28.70 8.56
N LEU A 35 -31.40 27.96 8.11
CA LEU A 35 -30.21 28.58 7.55
C LEU A 35 -30.51 29.15 6.16
N SER A 36 -31.57 28.63 5.52
CA SER A 36 -31.98 29.11 4.20
C SER A 36 -33.04 30.22 4.34
N ASN A 37 -33.68 30.26 5.50
CA ASN A 37 -34.73 31.24 5.82
C ASN A 37 -34.18 32.63 6.08
N PRO A 38 -34.65 33.61 5.31
CA PRO A 38 -34.17 35.00 5.43
C PRO A 38 -34.13 35.59 6.88
N SER A 39 -35.26 35.57 7.62
CA SER A 39 -35.26 36.15 9.01
C SER A 39 -34.29 35.46 9.98
N ALA A 40 -34.29 34.14 10.00
CA ALA A 40 -33.37 33.40 10.87
C ALA A 40 -31.89 33.64 10.41
N ARG A 41 -31.68 33.69 9.09
CA ARG A 41 -30.35 33.93 8.51
C ARG A 41 -29.81 35.26 9.00
N GLU A 42 -30.61 36.31 8.85
CA GLU A 42 -30.21 37.65 9.27
C GLU A 42 -29.93 37.75 10.77
N ALA A 43 -30.67 36.97 11.57
CA ALA A 43 -30.48 36.95 13.02
C ALA A 43 -29.15 36.34 13.35
N LEU A 44 -28.81 35.27 12.64
CA LEU A 44 -27.55 34.57 12.86
C LEU A 44 -26.37 35.38 12.32
N GLU A 45 -26.60 36.18 11.28
CA GLU A 45 -25.55 37.02 10.72
C GLU A 45 -25.25 38.15 11.67
N ALA A 46 -26.29 38.61 12.38
CA ALA A 46 -26.15 39.70 13.34
C ALA A 46 -25.36 39.27 14.57
N CYS A 47 -25.30 37.96 14.82
CA CYS A 47 -24.54 37.42 15.95
C CYS A 47 -23.17 36.96 15.52
N SER A 48 -22.82 37.26 14.27
CA SER A 48 -21.53 36.89 13.70
C SER A 48 -21.29 35.39 13.74
N VAL A 49 -22.16 34.65 13.06
CA VAL A 49 -22.07 33.21 13.01
C VAL A 49 -21.69 32.74 11.62
N ASP A 50 -20.64 31.94 11.53
CA ASP A 50 -20.24 31.37 10.25
C ASP A 50 -21.26 30.28 9.91
N LEU A 51 -22.21 30.62 9.03
CA LEU A 51 -23.30 29.74 8.66
C LEU A 51 -22.91 28.45 7.98
N VAL A 52 -21.74 28.44 7.34
CA VAL A 52 -21.27 27.24 6.66
C VAL A 52 -20.82 26.18 7.70
N ALA A 53 -20.06 26.60 8.70
CA ALA A 53 -19.63 25.68 9.75
C ALA A 53 -20.84 25.10 10.50
N LEU A 54 -21.88 25.95 10.69
CA LEU A 54 -23.12 25.51 11.35
C LEU A 54 -23.86 24.57 10.38
N ARG A 55 -23.82 24.90 9.09
CA ARG A 55 -24.44 24.08 8.04
C ARG A 55 -23.83 22.67 8.07
N GLN A 56 -22.49 22.62 8.09
CA GLN A 56 -21.74 21.34 8.09
C GLN A 56 -22.00 20.50 9.37
N GLU A 57 -21.94 21.15 10.53
CA GLU A 57 -22.15 20.46 11.81
C GLU A 57 -23.57 19.86 11.97
N LEU A 58 -24.57 20.60 11.49
CA LEU A 58 -25.96 20.13 11.55
C LEU A 58 -26.17 18.95 10.61
N GLU A 59 -25.71 19.11 9.37
CA GLU A 59 -25.84 18.05 8.35
C GLU A 59 -25.16 16.79 8.76
N ALA A 60 -23.96 16.93 9.33
CA ALA A 60 -23.20 15.76 9.79
C ALA A 60 -23.97 15.03 10.90
N PHE A 61 -24.49 15.78 11.87
CA PHE A 61 -25.26 15.19 12.95
C PHE A 61 -26.54 14.52 12.44
N ILE A 62 -27.25 15.20 11.55
CA ILE A 62 -28.48 14.66 10.95
C ILE A 62 -28.24 13.29 10.24
N GLU A 63 -27.19 13.21 9.44
CA GLU A 63 -26.89 11.97 8.71
C GLU A 63 -26.46 10.80 9.59
N GLN A 64 -25.74 11.09 10.67
CA GLN A 64 -25.26 10.06 11.59
C GLN A 64 -26.38 9.45 12.44
N THR A 65 -27.34 10.30 12.83
CA THR A 65 -28.39 9.90 13.78
C THR A 65 -29.79 9.62 13.25
N THR A 66 -30.13 10.17 12.11
CA THR A 66 -31.46 9.95 11.58
C THR A 66 -31.55 8.62 10.86
N PRO A 67 -32.50 7.77 11.27
CA PRO A 67 -32.67 6.48 10.64
C PRO A 67 -33.26 6.65 9.26
N VAL A 68 -32.74 5.89 8.31
CA VAL A 68 -33.23 5.92 6.95
C VAL A 68 -34.16 4.70 6.84
N LEU A 69 -35.27 4.83 6.09
CA LEU A 69 -36.21 3.70 5.99
C LEU A 69 -36.66 3.15 4.59
N PRO A 70 -35.77 3.13 3.58
CA PRO A 70 -36.13 2.59 2.27
C PRO A 70 -36.08 1.06 2.28
N ALA A 71 -37.22 0.43 2.02
CA ALA A 71 -37.33 -1.03 1.96
C ALA A 71 -38.57 -1.41 1.18
N SER A 72 -39.26 -2.45 1.65
CA SER A 72 -40.48 -2.92 0.99
C SER A 72 -41.70 -2.90 1.92
N GLU A 73 -42.78 -3.50 1.44
CA GLU A 73 -44.05 -3.65 2.19
C GLU A 73 -44.64 -2.42 2.87
N GLU A 74 -45.38 -2.66 3.94
CA GLU A 74 -46.04 -1.61 4.68
C GLU A 74 -45.10 -0.88 5.59
N GLU A 75 -44.76 0.34 5.21
CA GLU A 75 -43.90 1.20 6.02
C GLU A 75 -44.44 2.62 6.07
N ARG A 76 -43.71 3.50 6.72
CA ARG A 76 -44.18 4.87 6.89
C ARG A 76 -43.40 5.92 6.10
N ASP A 77 -43.84 7.17 6.21
CA ASP A 77 -43.22 8.29 5.49
C ASP A 77 -42.39 9.11 6.46
N THR A 78 -42.07 10.34 6.04
CA THR A 78 -41.32 11.26 6.90
C THR A 78 -42.26 11.80 7.94
N GLN A 79 -41.84 11.77 9.19
CA GLN A 79 -42.67 12.20 10.27
C GLN A 79 -41.94 13.13 11.22
N PRO A 80 -42.52 14.29 11.50
CA PRO A 80 -41.95 15.24 12.43
C PRO A 80 -41.92 14.62 13.83
N THR A 81 -40.84 14.82 14.56
CA THR A 81 -40.78 14.30 15.92
C THR A 81 -41.65 15.16 16.83
N LEU A 82 -41.94 14.62 18.01
CA LEU A 82 -42.74 15.29 19.01
C LEU A 82 -42.06 16.63 19.35
N SER A 83 -40.74 16.59 19.41
CA SER A 83 -39.93 17.73 19.75
C SER A 83 -40.02 18.83 18.67
N PHE A 84 -40.06 18.39 17.42
CA PHE A 84 -40.16 19.26 16.28
C PHE A 84 -41.47 20.01 16.34
N GLN A 85 -42.54 19.27 16.61
CA GLN A 85 -43.85 19.87 16.72
C GLN A 85 -43.88 20.82 17.91
N ARG A 86 -43.18 20.42 18.98
CA ARG A 86 -43.12 21.21 20.19
C ARG A 86 -42.48 22.58 19.96
N VAL A 87 -41.40 22.60 19.20
CA VAL A 87 -40.68 23.86 18.90
C VAL A 87 -41.58 24.82 18.14
N LEU A 88 -42.19 24.33 17.05
CA LEU A 88 -43.08 25.16 16.23
C LEU A 88 -44.26 25.67 17.04
N GLN A 89 -44.80 24.81 17.88
CA GLN A 89 -45.92 25.18 18.70
C GLN A 89 -45.48 26.24 19.76
N ARG A 90 -44.26 26.13 20.25
CA ARG A 90 -43.73 27.10 21.21
C ARG A 90 -43.58 28.46 20.55
N ALA A 91 -43.22 28.47 19.26
CA ALA A 91 -43.06 29.72 18.51
C ALA A 91 -44.39 30.34 18.23
N VAL A 92 -45.39 29.51 17.89
CA VAL A 92 -46.71 30.02 17.63
C VAL A 92 -47.30 30.63 18.90
N PHE A 93 -47.11 29.95 20.02
CA PHE A 93 -47.64 30.44 21.29
C PHE A 93 -47.03 31.75 21.70
N HIS A 94 -45.69 31.85 21.55
CA HIS A 94 -44.96 33.06 21.91
C HIS A 94 -45.41 34.22 21.06
N VAL A 95 -45.46 34.00 19.75
CA VAL A 95 -45.88 35.04 18.77
C VAL A 95 -47.28 35.54 18.99
N GLN A 96 -48.22 34.64 19.28
CA GLN A 96 -49.61 35.03 19.52
C GLN A 96 -49.74 35.82 20.79
N SER A 97 -48.96 35.44 21.80
CA SER A 97 -48.99 36.12 23.10
C SER A 97 -48.29 37.51 23.05
N SER A 98 -47.44 37.71 22.03
CA SER A 98 -46.63 38.95 21.84
C SER A 98 -47.30 40.02 21.04
N GLY A 99 -48.39 39.68 20.38
CA GLY A 99 -49.10 40.68 19.58
C GLY A 99 -48.60 40.75 18.15
N ARG A 100 -47.99 39.67 17.67
CA ARG A 100 -47.47 39.63 16.32
C ARG A 100 -48.33 38.78 15.40
N ASN A 101 -48.39 39.20 14.14
CA ASN A 101 -49.24 38.58 13.12
C ASN A 101 -48.84 37.17 12.65
N GLU A 102 -47.54 36.95 12.44
CA GLU A 102 -47.08 35.69 11.90
C GLU A 102 -45.78 35.25 12.49
N VAL A 103 -45.58 33.93 12.53
CA VAL A 103 -44.36 33.36 13.00
C VAL A 103 -43.32 33.41 11.89
N THR A 104 -42.12 33.87 12.23
CA THR A 104 -41.01 33.92 11.28
C THR A 104 -39.96 32.91 11.72
N GLY A 105 -38.92 32.73 10.90
CA GLY A 105 -37.83 31.80 11.22
C GLY A 105 -37.08 32.23 12.49
N ALA A 106 -36.88 33.53 12.65
CA ALA A 106 -36.22 34.07 13.82
C ALA A 106 -36.98 33.74 15.10
N ASN A 107 -38.32 33.75 15.02
CA ASN A 107 -39.15 33.38 16.20
C ASN A 107 -38.92 31.88 16.53
N VAL A 108 -38.79 31.04 15.48
CA VAL A 108 -38.55 29.58 15.67
C VAL A 108 -37.14 29.39 16.26
N LEU A 109 -36.21 30.24 15.83
CA LEU A 109 -34.86 30.22 16.36
C LEU A 109 -34.92 30.48 17.92
N VAL A 110 -35.73 31.46 18.35
CA VAL A 110 -35.90 31.72 19.78
C VAL A 110 -36.49 30.43 20.47
N ALA A 111 -37.50 29.84 19.84
CA ALA A 111 -38.12 28.63 20.40
C ALA A 111 -37.14 27.43 20.55
N ILE A 112 -36.14 27.34 19.65
CA ILE A 112 -35.16 26.24 19.70
C ILE A 112 -34.30 26.23 20.98
N PHE A 113 -34.00 27.42 21.50
CA PHE A 113 -33.21 27.53 22.74
C PHE A 113 -33.85 26.84 23.93
N SER A 114 -35.17 26.66 23.88
CA SER A 114 -35.85 26.02 24.97
C SER A 114 -35.84 24.54 24.89
N GLU A 115 -35.28 24.01 23.82
CA GLU A 115 -35.07 22.56 23.70
C GLU A 115 -33.73 22.29 24.33
N GLN A 116 -33.71 22.31 25.66
CA GLN A 116 -32.49 22.17 26.46
C GLN A 116 -31.55 21.00 26.14
N GLU A 117 -32.10 19.85 25.83
CA GLU A 117 -31.27 18.68 25.57
C GLU A 117 -31.05 18.37 24.09
N SER A 118 -31.35 19.33 23.22
CA SER A 118 -31.19 19.12 21.79
C SER A 118 -29.76 19.40 21.30
N GLN A 119 -29.41 18.81 20.17
CA GLN A 119 -28.11 19.07 19.55
C GLN A 119 -28.15 20.47 18.93
N ALA A 120 -29.30 20.84 18.39
CA ALA A 120 -29.48 22.17 17.79
C ALA A 120 -29.14 23.29 18.77
N ALA A 121 -29.74 23.24 19.97
CA ALA A 121 -29.47 24.25 21.00
C ALA A 121 -28.02 24.19 21.42
N TYR A 122 -27.48 22.97 21.51
CA TYR A 122 -26.07 22.76 21.87
C TYR A 122 -25.12 23.47 20.86
N LEU A 123 -25.45 23.37 19.58
CA LEU A 123 -24.65 23.99 18.51
C LEU A 123 -24.77 25.50 18.52
N LEU A 124 -25.95 26.00 18.85
CA LEU A 124 -26.18 27.42 18.94
C LEU A 124 -25.30 28.01 20.05
N ARG A 125 -25.24 27.32 21.18
CA ARG A 125 -24.42 27.76 22.31
C ARG A 125 -22.91 27.61 21.96
N LYS A 126 -22.58 26.57 21.18
CA LYS A 126 -21.19 26.34 20.78
C LYS A 126 -20.74 27.52 19.90
N HIS A 127 -21.64 28.02 19.05
CA HIS A 127 -21.34 29.15 18.19
C HIS A 127 -21.53 30.47 18.93
N GLU A 128 -21.67 30.36 20.26
CA GLU A 128 -21.86 31.51 21.17
C GLU A 128 -23.08 32.39 20.90
N VAL A 129 -24.12 31.78 20.32
CA VAL A 129 -25.36 32.47 20.08
C VAL A 129 -26.22 32.31 21.29
N SER A 130 -26.59 33.42 21.92
CA SER A 130 -27.43 33.36 23.11
C SER A 130 -28.86 33.69 22.75
N ARG A 131 -29.79 33.17 23.52
CA ARG A 131 -31.21 33.42 23.29
C ARG A 131 -31.51 34.95 23.31
N LEU A 132 -30.83 35.68 24.20
CA LEU A 132 -31.00 37.13 24.32
C LEU A 132 -30.59 37.86 23.05
N ASP A 133 -29.56 37.36 22.37
CA ASP A 133 -29.08 37.97 21.16
C ASP A 133 -30.14 37.97 20.08
N VAL A 134 -30.88 36.88 19.97
CA VAL A 134 -31.92 36.78 18.98
C VAL A 134 -33.14 37.61 19.36
N VAL A 135 -33.41 37.69 20.67
CA VAL A 135 -34.54 38.50 21.15
C VAL A 135 -34.28 40.00 20.88
N ASN A 136 -33.05 40.42 21.12
CA ASN A 136 -32.67 41.79 20.89
C ASN A 136 -32.68 42.13 19.39
N PHE A 137 -32.42 41.11 18.54
CA PHE A 137 -32.45 41.31 17.10
C PHE A 137 -33.89 41.41 16.57
N ILE A 138 -34.77 40.59 17.11
CA ILE A 138 -36.17 40.58 16.69
C ILE A 138 -36.89 41.90 17.04
N SER A 139 -36.66 42.39 18.24
CA SER A 139 -37.32 43.57 18.69
C SER A 139 -36.75 44.89 18.14
N HIS A 140 -35.42 44.97 18.08
CA HIS A 140 -34.77 46.21 17.63
C HIS A 140 -34.10 46.08 16.26
N GLY A 141 -32.87 45.59 16.25
CA GLY A 141 -32.13 45.42 15.01
C GLY A 141 -30.97 44.48 15.15
N LEU A 169 8.75 24.83 18.74
CA LEU A 169 9.01 23.99 17.58
C LEU A 169 8.95 24.82 16.30
N GLU A 170 9.55 24.30 15.22
CA GLU A 170 9.63 25.02 13.98
C GLU A 170 9.22 24.23 12.73
N ASN A 171 8.00 24.52 12.24
CA ASN A 171 7.49 24.01 10.94
C ASN A 171 7.36 22.48 10.61
N PHE A 172 6.16 22.12 10.12
CA PHE A 172 5.80 20.76 9.64
C PHE A 172 4.28 20.61 9.75
N THR A 173 3.84 20.43 10.97
CA THR A 173 2.43 20.29 11.35
C THR A 173 2.55 20.26 12.86
N THR A 174 2.63 21.44 13.45
CA THR A 174 2.91 21.54 14.88
C THR A 174 1.74 21.77 15.82
N ASN A 175 1.49 23.04 16.16
CA ASN A 175 0.44 23.39 17.10
C ASN A 175 -0.94 22.89 16.67
N LEU A 176 -1.28 21.68 17.12
CA LEU A 176 -2.56 21.07 16.78
C LEU A 176 -3.72 21.83 17.41
N ASN A 177 -3.45 22.45 18.56
CA ASN A 177 -4.45 23.27 19.24
C ASN A 177 -4.79 24.47 18.34
N GLN A 178 -3.76 25.04 17.70
CA GLN A 178 -3.95 26.19 16.79
C GLN A 178 -4.64 25.74 15.52
N LEU A 179 -4.26 24.55 15.02
CA LEU A 179 -4.90 24.00 13.83
C LEU A 179 -6.38 23.80 14.08
N ALA A 180 -6.72 23.42 15.31
CA ALA A 180 -8.10 23.20 15.69
C ALA A 180 -8.90 24.51 15.71
N ARG A 181 -8.25 25.60 16.17
CA ARG A 181 -8.91 26.90 16.26
C ARG A 181 -9.44 27.41 14.90
N VAL A 182 -8.76 27.00 13.83
CA VAL A 182 -9.19 27.35 12.47
C VAL A 182 -10.01 26.16 11.91
N GLY A 183 -9.38 25.36 11.07
CA GLY A 183 -10.03 24.20 10.48
C GLY A 183 -9.10 23.36 9.62
N GLY A 184 -7.87 23.17 10.10
CA GLY A 184 -6.90 22.39 9.38
C GLY A 184 -7.06 20.92 9.71
N ILE A 185 -7.79 20.65 10.79
CA ILE A 185 -8.03 19.28 11.25
C ILE A 185 -9.48 18.85 10.97
N ASP A 186 -9.63 17.69 10.31
CA ASP A 186 -10.95 17.17 10.01
C ASP A 186 -11.55 16.66 11.33
N PRO A 187 -12.88 16.79 11.49
CA PRO A 187 -13.56 16.37 12.74
C PRO A 187 -13.37 14.86 13.08
N LEU A 188 -13.32 14.55 14.37
CA LEU A 188 -13.20 13.17 14.83
C LEU A 188 -14.56 12.66 15.27
N ILE A 189 -15.05 11.63 14.60
CA ILE A 189 -16.35 11.05 14.93
C ILE A 189 -16.20 9.83 15.85
N GLY A 190 -16.99 9.78 16.90
CA GLY A 190 -16.98 8.67 17.82
C GLY A 190 -15.68 8.53 18.57
N ARG A 191 -15.29 7.30 18.83
CA ARG A 191 -14.07 6.99 19.57
C ARG A 191 -13.94 7.72 20.93
N GLU A 192 -15.06 7.78 21.65
CA GLU A 192 -15.12 8.39 22.95
C GLU A 192 -14.29 7.61 23.95
N LYS A 193 -14.42 6.29 23.92
CA LYS A 193 -13.69 5.41 24.83
C LYS A 193 -12.18 5.55 24.69
N GLU A 194 -11.71 5.62 23.46
CA GLU A 194 -10.28 5.79 23.20
C GLU A 194 -9.79 7.20 23.69
N LEU A 195 -10.60 8.23 23.48
CA LEU A 195 -10.22 9.58 23.94
C LEU A 195 -10.24 9.63 25.46
N GLU A 196 -11.21 8.96 26.05
CA GLU A 196 -11.36 8.95 27.48
C GLU A 196 -10.13 8.25 28.10
N ARG A 197 -9.71 7.13 27.48
CA ARG A 197 -8.56 6.35 27.93
C ARG A 197 -7.25 7.15 27.80
N ALA A 198 -7.11 7.91 26.71
CA ALA A 198 -5.92 8.73 26.50
C ALA A 198 -5.84 9.84 27.52
N ILE A 199 -6.98 10.48 27.79
CA ILE A 199 -7.03 11.57 28.79
C ILE A 199 -6.69 11.01 30.19
N GLN A 200 -7.30 9.87 30.52
CA GLN A 200 -7.05 9.22 31.80
C GLN A 200 -5.55 8.90 31.95
N VAL A 201 -4.95 8.38 30.88
CA VAL A 201 -3.53 8.08 30.86
C VAL A 201 -2.69 9.33 31.10
N LEU A 202 -2.98 10.41 30.35
CA LEU A 202 -2.26 11.67 30.50
C LEU A 202 -2.41 12.25 31.92
N CYS A 203 -3.50 11.88 32.60
CA CYS A 203 -3.77 12.36 33.95
C CYS A 203 -3.08 11.57 35.06
N ARG A 204 -2.47 10.44 34.72
CA ARG A 204 -1.77 9.58 35.75
C ARG A 204 -0.52 10.32 36.32
N ARG A 205 -0.09 9.93 37.52
CA ARG A 205 1.12 10.53 38.09
C ARG A 205 2.36 9.95 37.37
N ARG A 206 2.37 8.62 37.16
CA ARG A 206 3.45 7.92 36.42
C ARG A 206 2.89 7.12 35.23
N LYS A 207 3.77 6.72 34.29
CA LYS A 207 3.35 5.99 33.05
C LYS A 207 2.25 6.81 32.42
N ASN A 208 2.59 8.10 32.24
CA ASN A 208 1.72 9.19 31.76
C ASN A 208 1.63 9.32 30.27
N ASN A 209 2.31 8.47 29.53
CA ASN A 209 2.39 8.62 28.12
C ASN A 209 1.62 7.63 27.29
N PRO A 210 0.55 8.08 26.68
CA PRO A 210 -0.28 7.20 25.86
C PRO A 210 0.49 6.71 24.63
N LEU A 211 0.30 5.47 24.29
CA LEU A 211 0.90 4.92 23.11
C LEU A 211 -0.20 4.31 22.30
N LEU A 212 -0.64 5.03 21.28
CA LEU A 212 -1.73 4.57 20.40
C LEU A 212 -1.20 3.49 19.51
N VAL A 213 -1.76 2.30 19.64
CA VAL A 213 -1.30 1.13 18.86
C VAL A 213 -2.41 0.58 18.01
N GLY A 214 -2.19 0.57 16.70
CA GLY A 214 -3.17 0.09 15.78
C GLY A 214 -2.65 0.06 14.37
N GLU A 215 -3.39 -0.58 13.46
CA GLU A 215 -2.98 -0.69 12.06
C GLU A 215 -3.07 0.66 11.36
N SER A 216 -2.42 0.79 10.23
CA SER A 216 -2.46 2.02 9.48
C SER A 216 -3.84 2.27 8.91
N GLY A 217 -4.31 3.50 9.04
CA GLY A 217 -5.60 3.86 8.49
C GLY A 217 -6.73 3.75 9.51
N VAL A 218 -6.41 3.19 10.66
CA VAL A 218 -7.38 3.00 11.71
C VAL A 218 -7.81 4.35 12.41
N GLY A 219 -6.93 5.35 12.38
CA GLY A 219 -7.26 6.62 12.97
C GLY A 219 -6.48 7.00 14.22
N LYS A 220 -5.21 6.62 14.28
CA LYS A 220 -4.36 6.97 15.41
C LYS A 220 -4.01 8.50 15.40
N THR A 221 -3.59 9.04 14.24
CA THR A 221 -3.28 10.46 14.13
C THR A 221 -4.56 11.25 14.43
N ALA A 222 -5.70 10.76 13.89
CA ALA A 222 -7.03 11.40 14.06
C ALA A 222 -7.42 11.57 15.54
N ILE A 223 -7.04 10.61 16.37
CA ILE A 223 -7.35 10.65 17.80
C ILE A 223 -6.49 11.71 18.54
N ALA A 224 -5.21 11.80 18.18
CA ALA A 224 -4.29 12.79 18.77
C ALA A 224 -4.76 14.17 18.38
N GLU A 225 -5.16 14.31 17.13
CA GLU A 225 -5.65 15.57 16.61
C GLU A 225 -7.01 15.91 17.19
N GLY A 226 -7.86 14.88 17.35
CA GLY A 226 -9.18 15.06 17.90
C GLY A 226 -9.13 15.45 19.36
N LEU A 227 -8.03 15.12 20.03
CA LEU A 227 -7.86 15.47 21.42
C LEU A 227 -7.58 16.97 21.54
N ALA A 228 -6.78 17.48 20.62
CA ALA A 228 -6.43 18.91 20.61
C ALA A 228 -7.65 19.76 20.43
N TRP A 229 -8.61 19.25 19.66
CA TRP A 229 -9.85 19.97 19.43
C TRP A 229 -10.65 20.03 20.75
N ARG A 230 -10.67 18.90 21.47
CA ARG A 230 -11.37 18.83 22.74
C ARG A 230 -10.80 19.79 23.80
N ILE A 231 -9.49 20.06 23.71
CA ILE A 231 -8.86 20.98 24.63
C ILE A 231 -9.32 22.38 24.30
N VAL A 232 -9.46 22.66 23.01
CA VAL A 232 -9.91 23.97 22.56
C VAL A 232 -11.36 24.21 22.99
N GLN A 233 -12.20 23.18 22.83
CA GLN A 233 -13.61 23.30 23.19
C GLN A 233 -13.87 23.31 24.69
N GLY A 234 -12.86 22.96 25.47
CA GLY A 234 -13.01 22.91 26.89
C GLY A 234 -13.73 21.63 27.31
N ASP A 235 -13.69 20.63 26.41
CA ASP A 235 -14.32 19.32 26.67
C ASP A 235 -13.26 18.40 27.31
N VAL A 236 -12.33 19.01 28.03
CA VAL A 236 -11.30 18.30 28.74
C VAL A 236 -11.11 18.99 30.09
N PRO A 237 -11.36 18.25 31.16
CA PRO A 237 -11.25 18.74 32.55
C PRO A 237 -10.14 19.75 32.86
N GLU A 238 -10.43 20.66 33.83
CA GLU A 238 -9.52 21.76 34.28
C GLU A 238 -8.00 21.52 34.33
N VAL A 239 -7.56 20.32 34.72
CA VAL A 239 -6.12 20.06 34.79
C VAL A 239 -5.46 20.02 33.42
N MET A 240 -6.25 19.74 32.38
CA MET A 240 -5.75 19.70 31.01
C MET A 240 -6.19 20.91 30.19
N ALA A 241 -6.75 21.91 30.85
CA ALA A 241 -7.24 23.12 30.16
C ALA A 241 -6.11 23.92 29.48
N ASP A 242 -4.98 24.04 30.17
CA ASP A 242 -3.83 24.81 29.66
C ASP A 242 -2.95 24.01 28.69
N CYS A 243 -3.30 22.75 28.47
CA CYS A 243 -2.51 21.86 27.61
C CYS A 243 -2.55 22.19 26.16
N THR A 244 -1.41 22.13 25.53
CA THR A 244 -1.30 22.34 24.12
C THR A 244 -0.50 21.17 23.50
N ILE A 245 -1.05 20.59 22.44
CA ILE A 245 -0.43 19.45 21.80
C ILE A 245 0.41 19.83 20.60
N TYR A 246 1.71 19.54 20.67
CA TYR A 246 2.62 19.83 19.58
C TYR A 246 3.01 18.53 18.87
N SER A 247 2.85 18.50 17.56
CA SER A 247 3.24 17.31 16.79
C SER A 247 4.65 17.51 16.21
N LEU A 248 5.50 16.52 16.41
CA LEU A 248 6.90 16.60 15.98
C LEU A 248 7.12 16.21 14.52
N ASP A 249 8.12 16.85 13.92
CA ASP A 249 8.50 16.63 12.52
C ASP A 249 9.11 15.22 12.27
N ILE A 250 8.23 14.22 12.11
CA ILE A 250 8.67 12.83 11.86
C ILE A 250 8.24 12.33 10.44
N GLY A 251 8.47 11.05 10.16
CA GLY A 251 8.12 10.47 8.87
C GLY A 251 9.22 9.56 8.35
N ALA A 255 11.30 5.22 9.61
CA ALA A 255 11.92 3.91 9.64
C ALA A 255 13.39 4.01 10.07
N GLY A 256 13.78 5.19 10.52
CA GLY A 256 15.15 5.44 10.95
C GLY A 256 15.61 6.77 10.42
N THR A 257 15.92 7.70 11.33
CA THR A 257 16.34 9.03 10.93
C THR A 257 17.73 9.48 11.41
N LYS A 258 18.58 9.83 10.45
CA LYS A 258 19.94 10.31 10.72
C LYS A 258 20.57 10.77 9.41
N TYR A 259 20.15 11.94 8.93
CA TYR A 259 20.69 12.48 7.68
C TYR A 259 21.03 13.97 7.72
N ARG A 260 22.26 14.28 8.19
CA ARG A 260 22.79 15.66 8.27
C ARG A 260 22.10 16.59 9.31
N GLY A 261 22.88 17.53 9.86
CA GLY A 261 22.38 18.47 10.86
C GLY A 261 22.99 18.19 12.22
N ASP A 262 22.21 17.51 13.07
CA ASP A 262 22.64 17.11 14.43
C ASP A 262 21.42 16.82 15.26
N PHE A 263 20.97 15.56 15.21
CA PHE A 263 19.78 15.11 15.91
C PHE A 263 19.92 15.26 17.44
N GLU A 264 21.16 15.27 17.92
CA GLU A 264 21.43 15.36 19.36
C GLU A 264 21.13 16.75 19.99
N LYS A 265 21.75 17.80 19.44
CA LYS A 265 21.56 19.17 19.99
C LYS A 265 20.20 19.80 19.65
N ARG A 266 19.73 19.57 18.41
CA ARG A 266 18.44 20.13 17.96
C ARG A 266 17.27 19.58 18.76
N PHE A 267 17.31 18.29 19.07
CA PHE A 267 16.27 17.65 19.83
C PHE A 267 16.34 18.07 21.30
N LYS A 268 17.57 18.27 21.79
CA LYS A 268 17.78 18.68 23.19
C LYS A 268 17.27 20.10 23.41
N ALA A 269 17.48 20.96 22.41
CA ALA A 269 17.02 22.35 22.48
C ALA A 269 15.49 22.42 22.33
N LEU A 270 14.93 21.45 21.60
CA LEU A 270 13.50 21.36 21.40
C LEU A 270 12.84 20.95 22.71
N LEU A 271 13.39 19.90 23.34
CA LEU A 271 12.85 19.38 24.59
C LEU A 271 12.99 20.34 25.75
N LYS A 272 14.04 21.16 25.73
CA LYS A 272 14.23 22.13 26.80
C LYS A 272 13.23 23.27 26.63
N GLN A 273 12.83 23.51 25.37
CA GLN A 273 11.86 24.55 25.06
C GLN A 273 10.44 24.07 25.39
N LEU A 274 10.27 22.74 25.45
CA LEU A 274 8.98 22.15 25.80
C LEU A 274 8.92 21.98 27.30
N GLU A 275 10.05 21.59 27.89
CA GLU A 275 10.15 21.38 29.33
C GLU A 275 10.26 22.72 30.03
N GLN A 276 10.17 23.80 29.25
CA GLN A 276 10.25 25.16 29.77
C GLN A 276 9.00 25.51 30.60
N ASP A 277 8.88 24.85 31.77
CA ASP A 277 7.74 25.07 32.70
C ASP A 277 6.39 25.26 32.04
N THR A 278 5.89 24.20 31.41
CA THR A 278 4.60 24.25 30.74
C THR A 278 3.90 22.90 30.83
N ASN A 279 2.59 22.91 30.61
CA ASN A 279 1.82 21.69 30.58
C ASN A 279 1.69 21.32 29.10
N SER A 280 2.83 20.99 28.50
CA SER A 280 2.91 20.70 27.08
C SER A 280 2.98 19.24 26.77
N ILE A 281 2.17 18.83 25.79
CA ILE A 281 2.14 17.46 25.37
C ILE A 281 2.76 17.35 24.00
N LEU A 282 3.74 16.48 23.88
CA LEU A 282 4.43 16.28 22.61
C LEU A 282 3.94 15.04 21.87
N PHE A 283 3.25 15.24 20.76
CA PHE A 283 2.77 14.11 19.97
C PHE A 283 3.81 13.72 18.96
N ILE A 284 4.21 12.45 18.99
CA ILE A 284 5.15 11.97 18.02
C ILE A 284 4.60 10.81 17.22
N ASP A 285 4.09 11.13 16.03
CA ASP A 285 3.51 10.17 15.12
C ASP A 285 4.60 9.25 14.64
N GLU A 286 4.25 7.99 14.42
CA GLU A 286 5.20 6.98 14.00
C GLU A 286 6.44 7.01 14.91
N ILE A 287 6.22 6.88 16.22
CA ILE A 287 7.28 6.92 17.22
C ILE A 287 8.35 5.83 17.01
N HIS A 288 7.98 4.80 16.25
CA HIS A 288 8.89 3.70 15.96
C HIS A 288 10.06 4.14 15.05
N THR A 289 10.00 5.38 14.57
CA THR A 289 11.04 5.92 13.70
C THR A 289 12.28 6.29 14.48
N ILE A 290 12.11 7.17 15.47
CA ILE A 290 13.21 7.65 16.30
C ILE A 290 13.83 6.55 17.12
N ILE A 291 12.97 5.77 17.77
CA ILE A 291 13.42 4.74 18.65
C ILE A 291 12.99 3.33 18.22
N GLY A 292 13.61 2.32 18.82
CA GLY A 292 13.24 0.94 18.55
C GLY A 292 14.02 0.22 17.47
N ALA A 293 14.16 0.85 16.32
CA ALA A 293 14.86 0.23 15.19
C ALA A 293 16.37 0.25 15.39
N GLY A 294 17.02 1.25 14.80
CA GLY A 294 18.45 1.40 14.90
C GLY A 294 18.85 2.79 14.48
N ALA A 295 19.66 3.44 15.30
CA ALA A 295 20.09 4.79 15.01
C ALA A 295 21.40 4.83 14.26
N ALA A 296 22.22 5.82 14.59
CA ALA A 296 23.55 6.02 13.99
C ALA A 296 24.22 7.20 14.70
N SER A 297 23.39 7.97 15.40
CA SER A 297 23.85 9.15 16.14
C SER A 297 24.07 8.83 17.63
N GLY A 298 23.66 9.75 18.50
CA GLY A 298 23.83 9.58 19.93
C GLY A 298 22.81 10.34 20.77
N GLY A 299 21.60 10.46 20.23
CA GLY A 299 20.52 11.13 20.93
C GLY A 299 19.29 10.25 20.95
N GLN A 300 18.46 10.39 19.91
CA GLN A 300 17.21 9.59 19.70
C GLN A 300 16.54 9.00 20.97
N VAL A 301 16.84 7.72 21.25
CA VAL A 301 16.28 6.99 22.39
C VAL A 301 16.75 7.56 23.72
N ASP A 302 18.06 7.80 23.81
CA ASP A 302 18.69 8.29 25.03
C ASP A 302 18.30 9.74 25.37
N ALA A 303 17.97 10.53 24.35
CA ALA A 303 17.59 11.93 24.56
C ALA A 303 16.21 12.07 25.22
N ALA A 304 15.26 11.26 24.77
CA ALA A 304 13.89 11.29 25.31
C ALA A 304 13.79 10.61 26.68
N ASN A 305 14.58 9.55 26.86
CA ASN A 305 14.58 8.78 28.12
C ASN A 305 14.81 9.61 29.38
N LEU A 306 15.70 10.60 29.29
CA LEU A 306 16.01 11.48 30.43
C LEU A 306 14.79 12.31 30.85
N ILE A 307 14.13 12.89 29.86
CA ILE A 307 13.03 13.82 30.08
C ILE A 307 11.70 13.28 30.71
N LYS A 308 11.36 12.02 30.44
CA LYS A 308 10.08 11.45 30.94
C LYS A 308 9.82 11.50 32.49
N PRO A 309 10.69 10.88 33.30
CA PRO A 309 10.53 10.97 34.77
C PRO A 309 10.93 12.37 35.23
N LEU A 310 12.20 12.53 35.55
CA LEU A 310 12.73 13.82 35.97
C LEU A 310 14.24 13.75 35.92
N LEU A 311 14.86 14.65 35.15
CA LEU A 311 16.32 14.71 35.03
C LEU A 311 16.77 16.11 34.60
N SER A 312 15.94 17.10 34.93
CA SER A 312 16.23 18.48 34.59
C SER A 312 15.58 19.39 35.64
N SER A 313 14.44 19.98 35.28
CA SER A 313 13.68 20.85 36.19
C SER A 313 12.23 20.89 35.73
N GLY A 314 11.79 19.80 35.09
CA GLY A 314 10.43 19.71 34.60
C GLY A 314 10.07 18.29 34.18
N LYS A 315 8.93 18.14 33.50
CA LYS A 315 8.46 16.85 33.06
C LYS A 315 7.50 17.02 31.88
N ILE A 316 7.72 16.25 30.82
CA ILE A 316 6.87 16.32 29.64
C ILE A 316 6.10 15.05 29.45
N ARG A 317 5.01 15.13 28.68
CA ARG A 317 4.20 13.97 28.35
C ARG A 317 4.22 13.78 26.86
N VAL A 318 4.25 12.53 26.45
CA VAL A 318 4.32 12.21 25.04
C VAL A 318 3.23 11.24 24.60
N ILE A 319 2.57 11.58 23.49
CA ILE A 319 1.61 10.66 22.90
C ILE A 319 2.32 10.03 21.74
N GLY A 320 2.41 8.72 21.74
CA GLY A 320 3.08 8.02 20.68
C GLY A 320 2.08 7.33 19.79
N SER A 321 2.55 6.92 18.63
CA SER A 321 1.71 6.22 17.70
C SER A 321 2.55 5.21 16.99
N THR A 322 2.07 3.98 16.91
CA THR A 322 2.79 2.95 16.22
C THR A 322 1.83 1.82 15.83
N THR A 323 2.34 0.86 15.06
CA THR A 323 1.53 -0.28 14.66
C THR A 323 1.69 -1.44 15.65
N TYR A 324 0.79 -2.44 15.53
CA TYR A 324 0.79 -3.63 16.43
C TYR A 324 2.10 -4.39 16.41
N GLN A 325 2.65 -4.59 15.24
CA GLN A 325 3.88 -5.33 15.10
C GLN A 325 5.11 -4.55 15.51
N GLU A 326 5.08 -3.24 15.29
CA GLU A 326 6.21 -2.40 15.69
C GLU A 326 6.23 -2.13 17.19
N PHE A 327 5.09 -2.36 17.85
CA PHE A 327 5.02 -2.20 19.28
C PHE A 327 5.59 -3.46 19.95
N SER A 328 5.16 -4.62 19.47
CA SER A 328 5.58 -5.89 20.05
C SER A 328 7.05 -6.14 19.91
N ASN A 329 7.55 -5.99 18.71
CA ASN A 329 8.93 -6.27 18.45
C ASN A 329 9.95 -5.21 18.82
N ILE A 330 10.14 -4.22 17.96
CA ILE A 330 11.16 -3.20 18.18
C ILE A 330 10.98 -2.30 19.40
N PHE A 331 9.75 -2.22 19.91
CA PHE A 331 9.48 -1.36 21.02
C PHE A 331 9.52 -2.10 22.38
N GLU A 332 8.74 -3.16 22.51
CA GLU A 332 8.64 -3.89 23.78
C GLU A 332 9.83 -4.81 24.11
N LYS A 333 10.43 -5.41 23.10
CA LYS A 333 11.54 -6.34 23.31
C LYS A 333 12.92 -5.71 23.25
N ASP A 334 13.16 -4.88 22.23
CA ASP A 334 14.44 -4.18 22.11
C ASP A 334 14.49 -3.12 23.20
N ARG A 335 13.30 -2.67 23.58
CA ARG A 335 13.08 -1.67 24.62
C ARG A 335 13.75 -0.34 24.48
N ALA A 336 12.96 0.64 24.10
CA ALA A 336 13.41 1.96 23.99
C ALA A 336 12.97 2.69 25.25
N LEU A 337 11.65 2.84 25.40
CA LEU A 337 11.08 3.51 26.55
C LEU A 337 9.75 2.77 26.91
N ALA A 338 9.54 1.61 26.27
CA ALA A 338 8.29 0.79 26.40
C ALA A 338 7.48 0.81 27.72
N ARG A 339 8.18 0.76 28.84
CA ARG A 339 7.53 0.72 30.15
C ARG A 339 6.92 2.08 30.56
N ARG A 340 7.47 3.17 30.02
CA ARG A 340 6.99 4.52 30.36
C ARG A 340 5.70 4.89 29.62
N PHE A 341 5.33 4.07 28.66
CA PHE A 341 4.15 4.29 27.88
C PHE A 341 3.03 3.40 28.31
N GLN A 342 1.82 3.85 28.04
CA GLN A 342 0.64 3.08 28.33
C GLN A 342 0.00 2.75 26.99
N LYS A 343 -0.10 1.48 26.67
CA LYS A 343 -0.67 1.08 25.43
C LYS A 343 -2.18 1.20 25.38
N ILE A 344 -2.67 1.77 24.29
CA ILE A 344 -4.07 1.88 24.04
C ILE A 344 -4.34 1.26 22.68
N ASP A 345 -5.09 0.17 22.70
CA ASP A 345 -5.42 -0.52 21.49
C ASP A 345 -6.40 0.27 20.68
N ILE A 346 -6.02 0.67 19.48
CA ILE A 346 -6.92 1.38 18.60
C ILE A 346 -7.36 0.40 17.52
N THR A 347 -8.49 -0.26 17.76
CA THR A 347 -8.99 -1.27 16.84
C THR A 347 -9.62 -0.66 15.59
N GLU A 348 -9.68 -1.44 14.52
CA GLU A 348 -10.31 -1.01 13.30
C GLU A 348 -11.81 -0.87 13.61
N PRO A 349 -12.41 0.25 13.19
CA PRO A 349 -13.85 0.48 13.41
C PRO A 349 -14.66 -0.57 12.72
N SER A 350 -15.85 -0.82 13.24
CA SER A 350 -16.76 -1.79 12.63
C SER A 350 -17.39 -1.18 11.37
N ILE A 351 -18.20 -1.96 10.68
CA ILE A 351 -18.84 -1.48 9.48
C ILE A 351 -19.81 -0.31 9.80
N GLU A 352 -20.67 -0.53 10.82
CA GLU A 352 -21.63 0.48 11.25
C GLU A 352 -20.98 1.71 11.82
N GLU A 353 -19.90 1.52 12.60
CA GLU A 353 -19.19 2.66 13.16
C GLU A 353 -18.57 3.49 12.02
N THR A 354 -18.12 2.79 10.97
CA THR A 354 -17.51 3.43 9.79
C THR A 354 -18.57 4.11 8.93
N VAL A 355 -19.73 3.51 8.83
CA VAL A 355 -20.83 4.13 8.14
C VAL A 355 -21.17 5.47 8.87
N GLN A 356 -21.17 5.44 10.21
CA GLN A 356 -21.40 6.67 10.99
C GLN A 356 -20.29 7.70 10.73
N ILE A 357 -19.05 7.22 10.66
CA ILE A 357 -17.91 8.11 10.37
C ILE A 357 -18.07 8.79 8.97
N ILE A 358 -18.38 7.98 7.94
CA ILE A 358 -18.58 8.53 6.56
C ILE A 358 -19.78 9.48 6.53
N ASN A 359 -20.87 9.11 7.22
CA ASN A 359 -22.06 9.97 7.29
C ASN A 359 -21.75 11.30 7.95
N GLY A 360 -20.80 11.30 8.88
CA GLY A 360 -20.40 12.52 9.54
C GLY A 360 -19.44 13.40 8.72
N LEU A 361 -18.77 12.80 7.74
CA LEU A 361 -17.83 13.55 6.87
C LEU A 361 -18.46 13.80 5.50
N LYS A 362 -19.47 13.01 5.18
CA LYS A 362 -20.15 13.10 3.90
C LYS A 362 -20.52 14.53 3.40
N PRO A 363 -21.14 15.38 4.26
CA PRO A 363 -21.53 16.74 3.83
C PRO A 363 -20.34 17.57 3.28
N LYS A 364 -19.16 17.38 3.85
CA LYS A 364 -17.98 18.11 3.40
C LYS A 364 -17.49 17.59 2.03
N TYR A 365 -17.74 16.31 1.77
CA TYR A 365 -17.36 15.69 0.49
C TYR A 365 -18.35 16.05 -0.58
N GLU A 366 -19.62 16.16 -0.18
CA GLU A 366 -20.69 16.53 -1.08
C GLU A 366 -20.55 17.99 -1.47
N ALA A 367 -20.14 18.83 -0.54
CA ALA A 367 -19.95 20.25 -0.83
C ALA A 367 -18.74 20.42 -1.78
N HIS A 368 -17.68 19.69 -1.53
CA HIS A 368 -16.47 19.75 -2.36
C HIS A 368 -16.69 19.20 -3.80
N HIS A 369 -17.31 18.04 -3.90
CA HIS A 369 -17.53 17.41 -5.21
C HIS A 369 -18.80 17.84 -5.93
N ASP A 370 -19.65 18.61 -5.22
CA ASP A 370 -20.93 19.09 -5.79
C ASP A 370 -21.79 17.89 -6.22
N VAL A 371 -21.97 16.98 -5.32
CA VAL A 371 -22.64 15.76 -5.62
C VAL A 371 -23.34 15.24 -4.36
N ARG A 372 -24.20 14.25 -4.51
CA ARG A 372 -24.84 13.63 -3.35
C ARG A 372 -24.61 12.13 -3.34
N TYR A 373 -24.12 11.59 -2.23
CA TYR A 373 -23.93 10.13 -2.09
C TYR A 373 -25.20 9.52 -1.46
N THR A 374 -25.74 8.47 -2.06
CA THR A 374 -26.90 7.82 -1.47
C THR A 374 -26.48 7.05 -0.22
N ALA A 375 -27.44 6.77 0.64
CA ALA A 375 -27.20 6.03 1.86
C ALA A 375 -26.67 4.64 1.53
N LYS A 376 -27.17 4.06 0.43
CA LYS A 376 -26.78 2.74 -0.02
C LYS A 376 -25.32 2.72 -0.55
N ALA A 377 -24.89 3.81 -1.15
CA ALA A 377 -23.52 3.93 -1.70
C ALA A 377 -22.52 4.04 -0.56
N VAL A 378 -22.91 4.82 0.45
CA VAL A 378 -22.10 5.00 1.64
C VAL A 378 -21.86 3.64 2.30
N ARG A 379 -22.93 2.87 2.50
CA ARG A 379 -22.79 1.52 3.10
C ARG A 379 -21.95 0.62 2.18
N ALA A 380 -22.16 0.73 0.86
CA ALA A 380 -21.39 -0.07 -0.13
C ALA A 380 -19.93 0.28 -0.12
N ALA A 381 -19.62 1.56 0.07
CA ALA A 381 -18.22 1.98 0.15
C ALA A 381 -17.53 1.24 1.29
N VAL A 382 -18.18 1.22 2.45
CA VAL A 382 -17.64 0.56 3.61
C VAL A 382 -17.57 -1.00 3.41
N GLU A 383 -18.70 -1.61 3.08
CA GLU A 383 -18.76 -3.05 2.90
C GLU A 383 -17.88 -3.63 1.75
N LEU A 384 -17.83 -2.97 0.61
CA LEU A 384 -17.01 -3.45 -0.50
C LEU A 384 -15.51 -3.26 -0.23
N ALA A 385 -15.16 -2.22 0.53
CA ALA A 385 -13.73 -2.00 0.92
C ALA A 385 -13.30 -3.07 1.92
N VAL A 386 -14.24 -3.50 2.76
CA VAL A 386 -13.95 -4.51 3.75
C VAL A 386 -13.73 -5.86 3.06
N LYS A 387 -14.55 -6.13 2.06
CA LYS A 387 -14.47 -7.40 1.31
C LYS A 387 -13.29 -7.49 0.34
N TYR A 388 -13.02 -6.40 -0.39
CA TYR A 388 -12.03 -6.45 -1.48
C TYR A 388 -10.71 -5.67 -1.35
N ILE A 389 -10.67 -4.65 -0.49
CA ILE A 389 -9.42 -3.90 -0.28
C ILE A 389 -8.86 -4.43 1.08
N ASN A 390 -8.30 -5.65 1.02
CA ASN A 390 -7.85 -6.38 2.23
C ASN A 390 -6.51 -6.01 2.90
N ASP A 391 -5.68 -5.26 2.19
CA ASP A 391 -4.39 -4.86 2.74
C ASP A 391 -4.49 -3.47 3.43
N ARG A 392 -5.69 -2.92 3.47
CA ARG A 392 -5.93 -1.63 4.11
C ARG A 392 -7.04 -1.73 5.17
N HIS A 393 -7.23 -0.65 5.91
CA HIS A 393 -8.17 -0.67 6.98
C HIS A 393 -9.13 0.46 7.01
N LEU A 394 -10.27 0.23 7.68
CA LEU A 394 -11.28 1.24 7.90
C LEU A 394 -10.77 2.14 9.02
N PRO A 395 -11.17 3.41 9.04
CA PRO A 395 -12.09 4.00 8.04
C PRO A 395 -11.38 4.57 6.80
N ASP A 396 -10.04 4.61 6.83
CA ASP A 396 -9.24 5.20 5.74
C ASP A 396 -9.61 4.75 4.31
N LYS A 397 -9.72 3.43 4.09
CA LYS A 397 -10.01 2.89 2.77
C LYS A 397 -11.40 3.22 2.28
N ALA A 398 -12.34 3.35 3.21
CA ALA A 398 -13.72 3.68 2.85
C ALA A 398 -13.83 5.19 2.46
N ILE A 399 -13.09 6.04 3.18
CA ILE A 399 -13.08 7.51 2.92
C ILE A 399 -12.43 7.76 1.56
N ASP A 400 -11.34 7.02 1.27
CA ASP A 400 -10.67 7.13 -0.03
C ASP A 400 -11.60 6.77 -1.17
N VAL A 401 -12.37 5.69 -1.00
CA VAL A 401 -13.35 5.26 -1.99
C VAL A 401 -14.43 6.37 -2.21
N ILE A 402 -14.91 6.94 -1.11
CA ILE A 402 -15.92 7.98 -1.17
C ILE A 402 -15.35 9.23 -1.91
N ASP A 403 -14.13 9.62 -1.56
CA ASP A 403 -13.49 10.80 -2.17
C ASP A 403 -13.27 10.54 -3.66
N GLU A 404 -12.79 9.34 -3.96
CA GLU A 404 -12.47 8.95 -5.34
C GLU A 404 -13.75 8.90 -6.22
N ALA A 405 -14.86 8.43 -5.63
CA ALA A 405 -16.16 8.37 -6.37
C ALA A 405 -16.73 9.76 -6.64
N GLY A 406 -16.55 10.66 -5.71
CA GLY A 406 -17.02 12.02 -5.88
C GLY A 406 -16.19 12.72 -6.96
N ALA A 407 -14.89 12.50 -6.93
CA ALA A 407 -13.97 13.12 -7.91
C ALA A 407 -14.23 12.58 -9.33
N ARG A 408 -14.50 11.28 -9.41
CA ARG A 408 -14.78 10.57 -10.65
C ARG A 408 -15.96 11.22 -11.39
N ALA A 409 -16.95 11.68 -10.61
CA ALA A 409 -18.15 12.36 -11.15
C ALA A 409 -17.80 13.62 -11.98
N ARG A 410 -16.66 14.27 -11.68
CA ARG A 410 -16.22 15.46 -12.43
C ARG A 410 -15.78 15.11 -13.84
N LEU A 411 -15.29 13.88 -14.02
CA LEU A 411 -14.82 13.43 -15.34
C LEU A 411 -15.94 13.30 -16.32
N MET A 412 -17.08 12.86 -15.85
CA MET A 412 -18.25 12.80 -16.68
C MET A 412 -18.64 14.25 -16.81
N PRO A 413 -18.96 14.67 -18.05
CA PRO A 413 -19.19 16.09 -18.35
C PRO A 413 -18.86 17.12 -17.20
N VAL A 414 -19.89 17.66 -16.55
CA VAL A 414 -19.66 18.65 -15.48
C VAL A 414 -19.50 17.99 -14.11
N SER A 415 -20.52 17.24 -13.72
CA SER A 415 -20.55 16.51 -12.44
C SER A 415 -21.96 16.04 -12.21
N LYS A 416 -22.29 14.85 -12.70
CA LYS A 416 -23.66 14.35 -12.58
C LYS A 416 -24.11 13.99 -11.17
N ARG A 417 -24.73 14.98 -10.52
CA ARG A 417 -25.30 14.90 -9.15
C ARG A 417 -25.49 13.53 -8.43
N LYS A 418 -25.97 12.52 -9.18
CA LYS A 418 -26.38 11.18 -8.63
C LYS A 418 -27.89 11.27 -8.22
N LYS A 419 -28.42 10.28 -7.49
CA LYS A 419 -29.90 10.29 -7.17
C LYS A 419 -30.39 9.20 -6.19
N THR A 420 -30.89 8.10 -6.74
CA THR A 420 -31.38 6.97 -5.94
C THR A 420 -30.66 5.74 -6.49
N VAL A 421 -29.33 5.84 -6.51
CA VAL A 421 -28.46 4.84 -7.04
C VAL A 421 -27.11 5.47 -7.14
N ASN A 422 -26.07 4.71 -6.82
CA ASN A 422 -24.75 5.24 -6.72
C ASN A 422 -23.80 4.11 -6.36
N VAL A 423 -24.38 2.98 -5.96
CA VAL A 423 -23.62 1.79 -5.61
C VAL A 423 -22.74 1.34 -6.78
N ALA A 424 -23.28 1.48 -8.01
CA ALA A 424 -22.55 1.08 -9.22
C ALA A 424 -21.24 1.91 -9.38
N ASP A 425 -21.28 3.18 -8.97
CA ASP A 425 -20.10 4.05 -9.01
C ASP A 425 -19.07 3.55 -8.00
N ILE A 426 -19.54 3.26 -6.78
CA ILE A 426 -18.69 2.73 -5.71
C ILE A 426 -18.02 1.41 -6.18
N GLU A 427 -18.80 0.54 -6.80
CA GLU A 427 -18.28 -0.74 -7.32
C GLU A 427 -17.13 -0.59 -8.36
N SER A 428 -17.24 0.45 -9.23
CA SER A 428 -16.18 0.71 -10.22
C SER A 428 -14.94 1.24 -9.55
N VAL A 429 -15.13 2.11 -8.56
CA VAL A 429 -14.03 2.67 -7.84
C VAL A 429 -13.30 1.57 -7.04
N VAL A 430 -14.06 0.74 -6.33
CA VAL A 430 -13.48 -0.33 -5.53
C VAL A 430 -12.76 -1.33 -6.40
N ALA A 431 -13.33 -1.61 -7.60
CA ALA A 431 -12.69 -2.52 -8.51
C ALA A 431 -11.38 -1.95 -9.03
N ARG A 432 -11.30 -0.64 -9.20
CA ARG A 432 -10.07 -0.02 -9.70
C ARG A 432 -8.98 -0.07 -8.61
N ILE A 433 -9.38 0.17 -7.37
CA ILE A 433 -8.47 0.12 -6.24
C ILE A 433 -8.02 -1.34 -5.98
N ALA A 434 -8.98 -2.28 -5.91
CA ALA A 434 -8.67 -3.72 -5.67
C ALA A 434 -7.76 -4.33 -6.74
N ARG A 435 -7.60 -3.59 -7.86
CA ARG A 435 -6.69 -3.96 -8.99
C ARG A 435 -7.33 -4.33 -10.29
N ILE A 436 -6.60 -4.03 -11.39
CA ILE A 436 -7.06 -4.29 -12.75
C ILE A 436 -5.89 -4.29 -13.87
N PRO A 437 -4.63 -3.84 -13.51
CA PRO A 437 -3.50 -3.78 -14.48
C PRO A 437 -3.56 -4.82 -15.61
N GLU A 438 -4.13 -4.42 -16.76
CA GLU A 438 -4.29 -5.32 -17.91
C GLU A 438 -3.16 -5.29 -18.94
N LYS A 439 -3.54 -4.95 -20.18
CA LYS A 439 -2.66 -4.91 -21.37
C LYS A 439 -2.16 -6.27 -21.93
N SER A 440 -3.11 -7.04 -22.47
CA SER A 440 -2.82 -8.35 -23.07
C SER A 440 -3.92 -8.64 -24.09
N VAL A 441 -3.93 -7.92 -25.20
CA VAL A 441 -4.99 -8.09 -26.22
C VAL A 441 -4.50 -8.28 -27.69
N SER A 442 -4.95 -7.39 -28.58
CA SER A 442 -4.63 -7.48 -30.01
C SER A 442 -3.45 -6.61 -30.43
N GLN A 443 -2.24 -7.00 -29.99
CA GLN A 443 -1.04 -6.28 -30.33
C GLN A 443 0.11 -6.24 -29.30
N SER A 444 1.35 -6.27 -29.80
CA SER A 444 2.58 -6.18 -28.96
C SER A 444 2.87 -7.42 -28.12
N ASP A 445 2.20 -7.53 -26.97
CA ASP A 445 2.40 -8.70 -26.09
C ASP A 445 2.01 -10.00 -26.77
N ARG A 446 0.93 -9.94 -27.55
CA ARG A 446 0.44 -11.09 -28.30
C ARG A 446 1.50 -11.69 -29.23
N ASP A 447 2.22 -10.82 -29.95
CA ASP A 447 3.25 -11.24 -30.88
C ASP A 447 4.42 -11.99 -30.19
N THR A 448 4.78 -11.59 -28.96
CA THR A 448 5.88 -12.24 -28.27
C THR A 448 5.45 -13.56 -27.68
N LEU A 449 4.24 -13.59 -27.09
CA LEU A 449 3.72 -14.80 -26.49
C LEU A 449 3.48 -15.90 -27.52
N LYS A 450 2.95 -15.51 -28.68
CA LYS A 450 2.70 -16.45 -29.76
C LYS A 450 4.00 -17.01 -30.32
N ASN A 451 5.08 -16.21 -30.24
CA ASN A 451 6.39 -16.61 -30.76
C ASN A 451 7.41 -17.06 -29.70
N LEU A 452 7.05 -16.92 -28.41
CA LEU A 452 7.96 -17.32 -27.30
C LEU A 452 8.58 -18.66 -27.53
N GLY A 453 7.74 -19.67 -27.74
CA GLY A 453 8.21 -21.02 -27.99
C GLY A 453 9.29 -21.07 -29.06
N ASP A 454 9.02 -20.45 -30.20
CA ASP A 454 9.99 -20.41 -31.31
C ASP A 454 11.23 -19.54 -30.98
N ARG A 455 11.01 -18.41 -30.32
CA ARG A 455 12.08 -17.54 -29.94
C ARG A 455 13.08 -18.27 -29.01
N LEU A 456 12.56 -18.94 -27.97
CA LEU A 456 13.39 -19.69 -27.04
C LEU A 456 14.04 -20.89 -27.71
N LYS A 457 13.33 -21.49 -28.70
CA LYS A 457 13.83 -22.66 -29.43
C LYS A 457 15.00 -22.32 -30.34
N MET A 458 15.23 -21.03 -30.52
CA MET A 458 16.32 -20.56 -31.32
C MET A 458 17.57 -20.34 -30.48
N LEU A 459 17.39 -20.22 -29.17
CA LEU A 459 18.51 -19.99 -28.29
C LEU A 459 18.83 -21.25 -27.49
N VAL A 460 17.81 -22.08 -27.25
CA VAL A 460 17.92 -23.33 -26.48
C VAL A 460 17.41 -24.49 -27.33
N PHE A 461 18.25 -25.47 -27.56
CA PHE A 461 17.90 -26.59 -28.41
C PHE A 461 17.73 -27.89 -27.65
N GLY A 462 17.07 -28.85 -28.28
CA GLY A 462 16.87 -30.16 -27.72
C GLY A 462 15.90 -30.26 -26.57
N GLN A 463 15.16 -29.19 -26.31
CA GLN A 463 14.19 -29.22 -25.23
C GLN A 463 12.87 -28.52 -25.53
N ASP A 464 12.31 -28.86 -26.69
CA ASP A 464 11.07 -28.32 -27.16
C ASP A 464 9.93 -28.45 -26.14
N LYS A 465 9.79 -29.63 -25.55
CA LYS A 465 8.72 -29.89 -24.58
C LYS A 465 8.82 -28.98 -23.35
N ALA A 466 10.03 -28.85 -22.82
CA ALA A 466 10.28 -27.99 -21.67
C ALA A 466 9.82 -26.56 -21.94
N ILE A 467 10.30 -26.00 -23.06
CA ILE A 467 9.92 -24.65 -23.46
C ILE A 467 8.38 -24.54 -23.73
N GLU A 468 7.81 -25.56 -24.37
CA GLU A 468 6.38 -25.57 -24.67
C GLU A 468 5.54 -25.52 -23.39
N ALA A 469 5.91 -26.32 -22.41
CA ALA A 469 5.19 -26.34 -21.14
C ALA A 469 5.39 -25.03 -20.39
N LEU A 470 6.58 -24.46 -20.51
CA LEU A 470 6.88 -23.21 -19.86
C LEU A 470 6.08 -22.08 -20.48
N THR A 471 6.03 -22.05 -21.81
CA THR A 471 5.29 -20.99 -22.51
C THR A 471 3.78 -21.13 -22.39
N GLU A 472 3.31 -22.36 -22.24
CA GLU A 472 1.88 -22.60 -22.09
C GLU A 472 1.40 -22.04 -20.76
N ALA A 473 2.26 -22.13 -19.77
CA ALA A 473 1.96 -21.65 -18.43
C ALA A 473 2.02 -20.11 -18.32
N ILE A 474 2.96 -19.50 -19.06
CA ILE A 474 3.09 -18.05 -19.06
C ILE A 474 1.88 -17.45 -19.77
N LYS A 475 1.55 -18.02 -20.93
CA LYS A 475 0.41 -17.56 -21.71
C LYS A 475 -0.93 -17.69 -20.94
N MET A 476 -1.08 -18.80 -20.22
CA MET A 476 -2.30 -19.05 -19.42
C MET A 476 -2.46 -17.97 -18.36
N ALA A 477 -1.35 -17.62 -17.71
CA ALA A 477 -1.37 -16.59 -16.66
C ALA A 477 -1.48 -15.19 -17.24
N ARG A 478 -1.00 -15.02 -18.46
CA ARG A 478 -1.07 -13.72 -19.11
C ARG A 478 -2.47 -13.47 -19.69
N ALA A 479 -3.21 -14.56 -19.91
CA ALA A 479 -4.57 -14.48 -20.43
C ALA A 479 -5.59 -14.21 -19.34
N GLY A 480 -5.12 -13.97 -18.12
CA GLY A 480 -5.99 -13.68 -16.99
C GLY A 480 -6.55 -14.94 -16.31
N LEU A 481 -6.01 -16.09 -16.66
CA LEU A 481 -6.45 -17.33 -16.08
C LEU A 481 -5.41 -17.80 -15.08
N GLY A 482 -5.80 -17.83 -13.81
CA GLY A 482 -4.89 -18.21 -12.74
C GLY A 482 -5.29 -17.47 -11.49
N HIS A 483 -4.60 -17.75 -10.38
CA HIS A 483 -4.92 -17.07 -9.13
C HIS A 483 -4.22 -15.75 -9.02
N GLU A 484 -4.90 -14.80 -8.40
CA GLU A 484 -4.36 -13.46 -8.21
C GLU A 484 -3.33 -13.45 -7.09
N HIS A 485 -3.59 -14.23 -6.05
CA HIS A 485 -2.71 -14.29 -4.89
C HIS A 485 -1.56 -15.33 -5.03
N LYS A 486 -1.05 -15.50 -6.25
CA LYS A 486 0.05 -16.46 -6.50
C LYS A 486 1.01 -15.91 -7.57
N PRO A 487 2.25 -16.41 -7.59
CA PRO A 487 3.22 -15.99 -8.61
C PRO A 487 2.76 -16.37 -9.98
N VAL A 488 3.23 -15.65 -11.02
CA VAL A 488 2.90 -15.96 -12.42
C VAL A 488 3.03 -17.47 -12.66
N GLY A 489 4.14 -18.03 -12.21
CA GLY A 489 4.41 -19.45 -12.32
C GLY A 489 5.50 -19.91 -11.34
N SER A 490 5.40 -21.16 -10.92
CA SER A 490 6.36 -21.76 -10.01
C SER A 490 6.83 -23.01 -10.65
N PHE A 491 8.07 -23.04 -11.04
CA PHE A 491 8.56 -24.15 -11.76
C PHE A 491 9.77 -24.79 -11.17
N LEU A 492 9.85 -26.09 -11.31
CA LEU A 492 11.00 -26.83 -10.94
C LEU A 492 11.63 -27.34 -12.24
N PHE A 493 12.77 -26.78 -12.60
CA PHE A 493 13.48 -27.24 -13.80
C PHE A 493 14.41 -28.39 -13.40
N ALA A 494 14.09 -29.59 -13.85
CA ALA A 494 14.88 -30.76 -13.48
C ALA A 494 15.53 -31.37 -14.66
N GLY A 495 16.73 -31.86 -14.49
CA GLY A 495 17.45 -32.48 -15.57
C GLY A 495 18.92 -32.51 -15.27
N PRO A 496 19.68 -33.07 -16.20
CA PRO A 496 21.13 -33.20 -16.04
C PRO A 496 21.88 -31.83 -16.12
N THR A 497 23.17 -31.86 -15.80
CA THR A 497 24.01 -30.69 -15.80
C THR A 497 24.30 -30.18 -17.20
N GLY A 498 24.10 -28.86 -17.41
CA GLY A 498 24.47 -28.22 -18.68
C GLY A 498 23.65 -28.60 -19.89
N VAL A 499 22.32 -28.61 -19.73
CA VAL A 499 21.43 -28.98 -20.82
C VAL A 499 20.51 -27.85 -21.22
N GLY A 500 20.55 -26.76 -20.47
CA GLY A 500 19.79 -25.60 -20.83
C GLY A 500 18.84 -25.05 -19.80
N LYS A 501 18.91 -25.56 -18.58
CA LYS A 501 18.01 -25.09 -17.54
C LYS A 501 18.25 -23.62 -17.17
N THR A 502 19.50 -23.25 -16.90
CA THR A 502 19.80 -21.85 -16.55
C THR A 502 19.62 -20.97 -17.79
N GLU A 503 20.14 -21.45 -18.93
CA GLU A 503 20.05 -20.71 -20.17
C GLU A 503 18.60 -20.34 -20.53
N VAL A 504 17.70 -21.32 -20.38
CA VAL A 504 16.26 -21.07 -20.64
C VAL A 504 15.65 -19.93 -19.77
N THR A 505 15.99 -19.89 -18.47
CA THR A 505 15.40 -18.87 -17.60
C THR A 505 16.01 -17.51 -17.81
N VAL A 506 17.27 -17.48 -18.21
CA VAL A 506 17.93 -16.23 -18.50
C VAL A 506 17.30 -15.64 -19.78
N GLN A 507 17.07 -16.49 -20.77
CA GLN A 507 16.47 -16.07 -22.01
C GLN A 507 14.99 -15.75 -21.85
N LEU A 508 14.33 -16.44 -20.91
CA LEU A 508 12.94 -16.18 -20.67
C LEU A 508 12.76 -14.76 -20.15
N SER A 509 13.67 -14.34 -19.27
CA SER A 509 13.60 -13.00 -18.71
C SER A 509 13.88 -11.90 -19.76
N LYS A 510 14.78 -12.19 -20.70
CA LYS A 510 15.09 -11.22 -21.75
C LYS A 510 13.99 -11.13 -22.78
N ALA A 511 13.34 -12.26 -23.05
CA ALA A 511 12.24 -12.29 -24.02
C ALA A 511 10.99 -11.61 -23.49
N LEU A 512 10.84 -11.60 -22.18
CA LEU A 512 9.69 -10.98 -21.52
C LEU A 512 9.95 -9.55 -21.20
N GLY A 513 11.22 -9.16 -21.18
CA GLY A 513 11.59 -7.79 -20.88
C GLY A 513 11.55 -7.46 -19.39
N ILE A 514 11.79 -8.46 -18.56
CA ILE A 514 11.81 -8.25 -17.11
C ILE A 514 13.17 -8.58 -16.49
N GLU A 515 13.38 -8.12 -15.26
CA GLU A 515 14.65 -8.34 -14.57
C GLU A 515 14.84 -9.75 -14.15
N LEU A 516 16.09 -10.14 -14.01
CA LEU A 516 16.43 -11.47 -13.55
C LEU A 516 17.04 -11.37 -12.14
N LEU A 517 16.35 -11.94 -11.19
CA LEU A 517 16.82 -11.97 -9.84
C LEU A 517 17.34 -13.38 -9.63
N ARG A 518 18.57 -13.49 -9.27
CA ARG A 518 19.17 -14.78 -9.15
C ARG A 518 19.78 -15.05 -7.79
N PHE A 519 19.51 -16.24 -7.26
CA PHE A 519 20.05 -16.62 -5.98
C PHE A 519 20.54 -18.05 -6.04
N ASP A 520 21.71 -18.28 -5.48
CA ASP A 520 22.28 -19.59 -5.44
C ASP A 520 21.95 -20.24 -4.10
N MET A 521 21.27 -21.37 -4.14
CA MET A 521 20.89 -22.06 -2.91
C MET A 521 22.05 -22.80 -2.20
N SER A 522 23.20 -22.94 -2.88
CA SER A 522 24.36 -23.57 -2.24
C SER A 522 25.02 -22.57 -1.28
N GLU A 523 24.55 -21.34 -1.32
CA GLU A 523 25.04 -20.32 -0.45
C GLU A 523 24.02 -20.08 0.68
N TYR A 524 22.98 -20.90 0.69
CA TYR A 524 21.92 -20.78 1.69
C TYR A 524 21.60 -22.13 2.35
N MET A 525 22.62 -22.97 2.50
CA MET A 525 22.44 -24.29 3.10
C MET A 525 22.50 -24.21 4.62
N GLU A 526 22.84 -23.00 5.11
CA GLU A 526 22.94 -22.69 6.55
C GLU A 526 24.23 -23.13 7.28
N ARG A 527 24.55 -24.43 7.24
CA ARG A 527 25.76 -24.92 7.92
C ARG A 527 26.53 -26.06 7.21
N HIS A 528 27.17 -25.74 6.08
CA HIS A 528 27.93 -26.74 5.34
C HIS A 528 29.34 -26.31 4.88
N THR A 529 29.51 -25.02 4.58
CA THR A 529 30.81 -24.49 4.12
C THR A 529 31.52 -23.68 5.23
N VAL A 530 32.68 -24.16 5.69
CA VAL A 530 33.44 -23.46 6.75
C VAL A 530 34.96 -23.80 6.83
N SER A 531 35.30 -25.07 6.56
CA SER A 531 36.72 -25.54 6.65
C SER A 531 37.67 -24.88 5.63
N ARG A 532 37.10 -24.28 4.61
CA ARG A 532 37.87 -23.60 3.57
C ARG A 532 38.28 -22.19 4.06
N LEU A 533 37.66 -21.15 3.51
CA LEU A 533 37.94 -19.77 3.95
C LEU A 533 36.67 -18.92 4.15
N ILE A 534 35.66 -19.15 3.29
CA ILE A 534 34.39 -18.46 3.44
C ILE A 534 33.64 -19.12 4.61
N GLY A 535 33.77 -18.53 5.79
CA GLY A 535 33.15 -19.08 6.97
C GLY A 535 32.33 -18.08 7.76
N ALA A 536 31.37 -17.46 7.09
CA ALA A 536 30.47 -16.50 7.75
C ALA A 536 29.00 -16.80 7.41
N PRO A 537 28.45 -17.88 8.02
CA PRO A 537 27.07 -18.29 7.76
C PRO A 537 25.95 -17.90 8.80
N PRO A 538 26.16 -16.95 9.76
CA PRO A 538 25.12 -16.62 10.72
C PRO A 538 23.76 -16.41 10.07
N GLY A 539 22.83 -17.33 10.35
CA GLY A 539 21.48 -17.24 9.83
C GLY A 539 21.26 -17.70 8.40
N TYR A 540 21.89 -17.01 7.43
CA TYR A 540 21.69 -17.27 5.94
C TYR A 540 20.27 -17.02 5.52
N VAL A 541 19.32 -17.66 6.20
CA VAL A 541 17.91 -17.43 5.95
C VAL A 541 17.66 -15.99 6.38
N GLY A 542 18.52 -15.50 7.27
CA GLY A 542 18.47 -14.13 7.74
C GLY A 542 18.84 -13.18 6.63
N PHE A 543 19.74 -13.61 5.74
CA PHE A 543 20.13 -12.81 4.58
C PHE A 543 19.00 -12.73 3.55
N ASP A 544 18.29 -13.85 3.36
CA ASP A 544 17.14 -13.88 2.44
C ASP A 544 16.02 -13.03 3.02
N GLN A 545 15.72 -13.28 4.29
CA GLN A 545 14.67 -12.56 4.99
C GLN A 545 15.07 -11.15 5.30
N GLY A 546 15.88 -10.98 6.35
CA GLY A 546 16.33 -9.65 6.81
C GLY A 546 16.74 -8.62 5.73
N GLY A 547 16.84 -9.04 4.46
CA GLY A 547 17.20 -8.12 3.40
C GLY A 547 17.00 -8.63 1.95
N LEU A 548 18.06 -9.25 1.43
CA LEU A 548 18.14 -9.72 0.02
C LEU A 548 16.89 -10.09 -0.83
N LEU A 549 16.35 -11.30 -0.63
CA LEU A 549 15.21 -11.80 -1.42
C LEU A 549 14.03 -10.82 -1.54
N THR A 550 13.61 -10.25 -0.42
CA THR A 550 12.50 -9.32 -0.40
C THR A 550 12.86 -7.97 -1.00
N ASP A 551 14.04 -7.45 -0.64
CA ASP A 551 14.50 -6.18 -1.17
C ASP A 551 14.54 -6.23 -2.71
N ALA A 552 15.05 -7.33 -3.25
CA ALA A 552 15.14 -7.52 -4.69
C ALA A 552 13.77 -7.63 -5.37
N VAL A 553 12.80 -8.24 -4.69
CA VAL A 553 11.46 -8.41 -5.24
C VAL A 553 10.63 -7.10 -5.15
N ILE A 554 10.87 -6.32 -4.11
CA ILE A 554 10.18 -5.03 -3.94
C ILE A 554 10.73 -4.06 -4.98
N LYS A 555 12.04 -4.14 -5.21
CA LYS A 555 12.71 -3.27 -6.16
C LYS A 555 12.35 -3.66 -7.60
N HIS A 556 12.09 -4.95 -7.83
CA HIS A 556 11.72 -5.46 -9.19
C HIS A 556 10.49 -6.40 -9.12
N PRO A 557 9.28 -5.82 -9.01
CA PRO A 557 8.03 -6.59 -8.93
C PRO A 557 7.82 -7.49 -10.14
N HIS A 558 8.15 -7.01 -11.32
CA HIS A 558 8.05 -7.81 -12.54
C HIS A 558 9.39 -8.43 -12.79
N ALA A 559 9.51 -9.74 -12.57
CA ALA A 559 10.80 -10.41 -12.70
C ALA A 559 10.74 -11.93 -12.82
N VAL A 560 11.88 -12.51 -13.15
CA VAL A 560 12.03 -13.95 -13.15
C VAL A 560 12.97 -14.22 -11.98
N LEU A 561 12.52 -14.99 -11.03
CA LEU A 561 13.34 -15.31 -9.87
C LEU A 561 13.92 -16.67 -10.01
N LEU A 562 15.23 -16.71 -10.23
CA LEU A 562 15.94 -17.96 -10.41
C LEU A 562 16.67 -18.39 -9.15
N LEU A 563 16.40 -19.60 -8.70
CA LEU A 563 17.04 -20.17 -7.52
C LEU A 563 17.83 -21.40 -7.95
N ASP A 564 19.16 -21.25 -8.06
CA ASP A 564 20.03 -22.34 -8.49
C ASP A 564 20.13 -23.46 -7.44
N GLU A 565 20.25 -24.70 -7.91
CA GLU A 565 20.42 -25.88 -7.05
C GLU A 565 19.48 -25.88 -5.83
N ILE A 566 18.18 -25.81 -6.10
CA ILE A 566 17.16 -25.76 -5.06
C ILE A 566 17.23 -26.93 -4.01
N GLU A 567 17.81 -28.04 -4.40
CA GLU A 567 17.93 -29.21 -3.52
C GLU A 567 18.86 -28.98 -2.33
N LYS A 568 19.77 -28.02 -2.45
CA LYS A 568 20.73 -27.75 -1.39
C LYS A 568 20.22 -26.74 -0.36
N ALA A 569 19.05 -26.17 -0.62
CA ALA A 569 18.49 -25.14 0.28
C ALA A 569 18.07 -25.69 1.64
N HIS A 570 18.17 -24.85 2.66
CA HIS A 570 17.80 -25.20 4.01
C HIS A 570 16.26 -25.23 4.12
N PRO A 571 15.72 -26.17 4.91
CA PRO A 571 14.27 -26.30 5.13
C PRO A 571 13.53 -24.96 5.43
N ASP A 572 14.22 -23.99 6.06
CA ASP A 572 13.61 -22.67 6.35
C ASP A 572 13.33 -21.91 5.09
N VAL A 573 14.16 -22.14 4.08
CA VAL A 573 13.98 -21.49 2.79
C VAL A 573 12.77 -22.10 2.09
N PHE A 574 12.63 -23.42 2.19
CA PHE A 574 11.48 -24.11 1.61
C PHE A 574 10.16 -23.63 2.21
N ASN A 575 10.11 -23.46 3.54
CA ASN A 575 8.88 -22.95 4.21
C ASN A 575 8.54 -21.57 3.66
N ILE A 576 9.57 -20.74 3.47
CA ILE A 576 9.40 -19.41 2.88
C ILE A 576 8.88 -19.54 1.46
N LEU A 577 9.40 -20.53 0.73
CA LEU A 577 8.97 -20.77 -0.65
C LEU A 577 7.52 -21.27 -0.72
N LEU A 578 7.10 -22.03 0.28
CA LEU A 578 5.73 -22.53 0.34
C LEU A 578 4.75 -21.38 0.54
N GLN A 579 5.18 -20.36 1.28
CA GLN A 579 4.35 -19.18 1.51
C GLN A 579 4.26 -18.37 0.23
N VAL A 580 5.37 -18.25 -0.47
CA VAL A 580 5.39 -17.54 -1.72
C VAL A 580 4.41 -18.19 -2.72
N MET A 581 4.50 -19.51 -2.84
CA MET A 581 3.63 -20.25 -3.75
C MET A 581 2.16 -20.31 -3.33
N ASP A 582 1.88 -20.06 -2.04
CA ASP A 582 0.53 -20.06 -1.54
C ASP A 582 -0.08 -18.66 -1.52
N ASN A 583 0.63 -17.72 -0.88
CA ASN A 583 0.11 -16.36 -0.68
C ASN A 583 0.56 -15.31 -1.66
N GLY A 584 1.69 -15.55 -2.33
CA GLY A 584 2.22 -14.59 -3.29
C GLY A 584 2.83 -13.37 -2.63
N THR A 585 3.19 -13.51 -1.36
CA THR A 585 3.75 -12.40 -0.59
C THR A 585 4.76 -12.89 0.45
N LEU A 586 5.71 -12.02 0.80
CA LEU A 586 6.67 -12.31 1.88
C LEU A 586 6.67 -11.19 2.88
N THR A 587 6.92 -11.52 4.13
CA THR A 587 6.96 -10.53 5.19
C THR A 587 8.36 -10.47 5.81
N ASP A 588 9.03 -9.33 5.65
CA ASP A 588 10.39 -9.15 6.19
C ASP A 588 10.73 -7.66 6.39
N ASN A 589 12.04 -7.38 6.57
CA ASN A 589 12.57 -6.01 6.72
C ASN A 589 11.64 -5.01 7.35
N ASN A 590 11.20 -5.33 8.57
CA ASN A 590 10.29 -4.48 9.30
C ASN A 590 8.99 -4.18 8.56
N GLY A 591 8.03 -5.10 8.68
CA GLY A 591 6.70 -4.94 8.10
C GLY A 591 6.66 -4.54 6.64
N ARG A 592 7.54 -5.11 5.85
CA ARG A 592 7.59 -4.83 4.44
C ARG A 592 6.87 -5.94 3.70
N LYS A 593 6.23 -5.59 2.60
CA LYS A 593 5.55 -6.58 1.80
C LYS A 593 6.22 -6.77 0.46
N ALA A 594 6.68 -7.98 0.21
CA ALA A 594 7.28 -8.33 -1.06
C ALA A 594 6.21 -8.96 -1.87
N ASP A 595 5.78 -8.28 -2.92
CA ASP A 595 4.74 -8.80 -3.77
C ASP A 595 5.32 -9.68 -4.85
N PHE A 596 4.95 -10.97 -4.83
CA PHE A 596 5.45 -11.93 -5.83
C PHE A 596 4.42 -12.19 -6.90
N ARG A 597 3.36 -11.36 -6.94
CA ARG A 597 2.28 -11.52 -7.92
C ARG A 597 2.76 -11.52 -9.38
N ASN A 598 3.71 -10.65 -9.70
CA ASN A 598 4.25 -10.56 -11.08
C ASN A 598 5.65 -11.16 -11.21
N VAL A 599 5.89 -12.28 -10.53
CA VAL A 599 7.19 -12.94 -10.56
C VAL A 599 7.09 -14.37 -11.08
N VAL A 600 8.05 -14.76 -11.92
CA VAL A 600 8.11 -16.13 -12.40
C VAL A 600 9.16 -16.84 -11.60
N LEU A 601 8.75 -17.75 -10.76
CA LEU A 601 9.70 -18.46 -9.91
C LEU A 601 10.22 -19.68 -10.58
N VAL A 602 11.53 -19.77 -10.71
CA VAL A 602 12.17 -20.92 -11.32
C VAL A 602 13.25 -21.49 -10.43
N MET A 603 13.14 -22.76 -10.15
CA MET A 603 14.09 -23.45 -9.30
C MET A 603 14.69 -24.58 -10.11
N THR A 604 16.00 -24.62 -10.20
CA THR A 604 16.66 -25.65 -11.02
C THR A 604 17.28 -26.69 -10.16
N THR A 605 17.22 -27.93 -10.62
CA THR A 605 17.82 -28.98 -9.90
C THR A 605 18.49 -30.01 -10.73
N ASN A 606 19.56 -30.54 -10.15
CA ASN A 606 20.38 -31.54 -10.75
C ASN A 606 20.08 -32.85 -10.05
N ALA A 607 19.54 -32.73 -8.84
CA ALA A 607 19.22 -33.87 -7.95
C ALA A 607 18.76 -35.18 -8.60
N GLY A 608 17.69 -35.14 -9.39
CA GLY A 608 17.16 -36.34 -10.02
C GLY A 608 18.02 -36.93 -11.17
N VAL A 609 18.39 -36.04 -12.13
CA VAL A 609 19.20 -36.42 -13.35
C VAL A 609 18.35 -37.13 -14.43
N ARG A 610 17.51 -36.36 -15.14
CA ARG A 610 16.63 -36.93 -16.20
C ARG A 610 17.44 -37.41 -17.42
N ALA A 628 13.35 -42.54 -13.27
CA ALA A 628 14.22 -41.38 -13.07
C ALA A 628 13.43 -40.19 -12.54
N MET A 629 12.17 -40.10 -12.93
CA MET A 629 11.29 -39.03 -12.46
C MET A 629 10.84 -39.36 -11.03
N GLU A 630 10.85 -40.66 -10.71
CA GLU A 630 10.49 -41.14 -9.39
C GLU A 630 11.50 -40.68 -8.33
N GLU A 631 12.73 -40.37 -8.79
CA GLU A 631 13.79 -39.91 -7.90
C GLU A 631 13.50 -38.48 -7.40
N ILE A 632 12.91 -37.65 -8.25
CA ILE A 632 12.55 -36.31 -7.87
C ILE A 632 11.48 -36.35 -6.74
N LYS A 633 10.58 -37.35 -6.83
CA LYS A 633 9.52 -37.53 -5.84
C LYS A 633 10.06 -37.85 -4.45
N LYS A 634 11.19 -38.54 -4.42
CA LYS A 634 11.83 -38.90 -3.16
C LYS A 634 12.56 -37.71 -2.56
N ILE A 635 13.25 -36.94 -3.41
CA ILE A 635 14.06 -35.81 -2.95
C ILE A 635 13.22 -34.62 -2.44
N PHE A 636 12.16 -34.30 -3.14
CA PHE A 636 11.31 -33.20 -2.77
C PHE A 636 10.01 -33.72 -2.24
N THR A 637 9.55 -33.17 -1.12
CA THR A 637 8.30 -33.61 -0.47
C THR A 637 7.07 -33.37 -1.38
N PRO A 638 6.03 -34.20 -1.19
CA PRO A 638 4.78 -34.07 -1.95
C PRO A 638 4.15 -32.70 -1.72
N GLU A 639 4.31 -32.16 -0.51
CA GLU A 639 3.77 -30.84 -0.19
C GLU A 639 4.41 -29.76 -1.05
N PHE A 640 5.73 -29.87 -1.24
CA PHE A 640 6.44 -28.89 -2.07
C PHE A 640 6.11 -29.09 -3.55
N ARG A 641 6.13 -30.35 -4.00
CA ARG A 641 5.87 -30.67 -5.41
C ARG A 641 4.46 -30.32 -5.90
N ASN A 642 3.46 -30.52 -5.06
CA ASN A 642 2.10 -30.24 -5.43
C ASN A 642 1.72 -28.73 -5.45
N ARG A 643 2.65 -27.85 -5.07
CA ARG A 643 2.39 -26.39 -5.12
C ARG A 643 2.99 -25.79 -6.39
N LEU A 644 3.78 -26.61 -7.08
CA LEU A 644 4.40 -26.19 -8.33
C LEU A 644 3.37 -26.20 -9.45
N ASP A 645 3.48 -25.25 -10.37
CA ASP A 645 2.59 -25.22 -11.51
C ASP A 645 3.04 -26.31 -12.46
N ASN A 646 4.34 -26.60 -12.44
CA ASN A 646 4.91 -27.61 -13.33
C ASN A 646 6.29 -28.05 -12.94
N ILE A 647 6.55 -29.33 -13.09
CA ILE A 647 7.89 -29.81 -12.94
C ILE A 647 8.32 -29.95 -14.40
N ILE A 648 9.08 -28.98 -14.86
CA ILE A 648 9.52 -28.93 -16.22
C ILE A 648 10.77 -29.78 -16.47
N TRP A 649 10.57 -30.89 -17.12
CA TRP A 649 11.63 -31.83 -17.36
C TRP A 649 12.54 -31.44 -18.54
N PHE A 650 13.85 -31.62 -18.35
CA PHE A 650 14.87 -31.33 -19.37
C PHE A 650 15.65 -32.62 -19.66
N ASP A 651 15.75 -32.99 -20.93
CA ASP A 651 16.45 -34.23 -21.29
C ASP A 651 17.93 -34.02 -21.63
N HIS A 652 18.66 -35.11 -21.84
CA HIS A 652 20.06 -35.03 -22.23
C HIS A 652 20.15 -34.46 -23.64
N LEU A 653 21.34 -34.07 -24.06
CA LEU A 653 21.50 -33.51 -25.38
C LEU A 653 21.90 -34.55 -26.39
N SER A 654 21.22 -34.53 -27.55
CA SER A 654 21.52 -35.47 -28.65
C SER A 654 22.80 -35.04 -29.31
N THR A 655 23.27 -35.84 -30.27
CA THR A 655 24.47 -35.47 -31.01
C THR A 655 24.15 -34.30 -31.93
N ASP A 656 22.92 -34.27 -32.44
CA ASP A 656 22.46 -33.21 -33.32
C ASP A 656 22.21 -31.90 -32.57
N VAL A 657 21.82 -32.00 -31.31
CA VAL A 657 21.58 -30.83 -30.49
C VAL A 657 22.94 -30.19 -30.13
N ILE A 658 23.91 -31.04 -29.80
CA ILE A 658 25.27 -30.58 -29.49
C ILE A 658 25.86 -29.82 -30.69
N HIS A 659 25.62 -30.35 -31.91
CA HIS A 659 26.09 -29.70 -33.16
C HIS A 659 25.37 -28.36 -33.40
N GLN A 660 24.13 -28.28 -32.96
CA GLN A 660 23.39 -27.07 -33.07
C GLN A 660 23.95 -26.02 -32.05
N VAL A 661 24.36 -26.51 -30.87
CA VAL A 661 24.98 -25.62 -29.86
C VAL A 661 26.31 -25.05 -30.45
N VAL A 662 27.09 -25.92 -31.12
CA VAL A 662 28.34 -25.50 -31.77
C VAL A 662 28.06 -24.44 -32.84
N ASP A 663 27.10 -24.73 -33.75
CA ASP A 663 26.73 -23.78 -34.77
C ASP A 663 26.31 -22.42 -34.16
N LYS A 664 25.46 -22.47 -33.12
CA LYS A 664 25.06 -21.24 -32.43
C LYS A 664 26.31 -20.41 -31.97
N PHE A 665 27.29 -21.09 -31.38
CA PHE A 665 28.54 -20.40 -30.95
C PHE A 665 29.32 -19.86 -32.16
N ILE A 666 29.31 -20.61 -33.24
CA ILE A 666 30.00 -20.20 -34.46
C ILE A 666 29.29 -18.97 -35.13
N VAL A 667 27.95 -18.99 -35.19
CA VAL A 667 27.19 -17.88 -35.78
C VAL A 667 27.43 -16.56 -34.99
N GLU A 668 27.49 -16.67 -33.65
CA GLU A 668 27.75 -15.51 -32.79
C GLU A 668 29.10 -14.91 -33.16
N LEU A 669 30.09 -15.76 -33.38
CA LEU A 669 31.40 -15.33 -33.79
C LEU A 669 31.35 -14.74 -35.21
N GLN A 670 30.58 -15.39 -36.10
CA GLN A 670 30.44 -14.90 -37.48
C GLN A 670 29.79 -13.50 -37.53
N VAL A 671 28.89 -13.22 -36.60
CA VAL A 671 28.22 -11.92 -36.56
C VAL A 671 29.28 -10.82 -36.26
N GLN A 672 30.13 -11.06 -35.24
CA GLN A 672 31.20 -10.14 -34.88
C GLN A 672 32.21 -10.01 -36.01
N LEU A 673 32.64 -11.16 -36.55
CA LEU A 673 33.60 -11.18 -37.62
C LEU A 673 33.11 -10.55 -38.93
N ASP A 674 31.82 -10.78 -39.29
CA ASP A 674 31.24 -10.21 -40.55
C ASP A 674 31.21 -8.68 -40.55
N GLN A 675 31.05 -8.09 -39.37
CA GLN A 675 31.03 -6.62 -39.24
C GLN A 675 32.44 -6.03 -39.46
N LYS A 676 33.48 -6.86 -39.26
CA LYS A 676 34.86 -6.44 -39.48
C LYS A 676 35.34 -6.87 -40.88
N GLY A 677 34.40 -7.37 -41.70
CA GLY A 677 34.71 -7.80 -43.04
C GLY A 677 35.48 -9.10 -43.09
N VAL A 678 35.33 -9.92 -42.05
CA VAL A 678 36.03 -11.17 -41.96
C VAL A 678 35.06 -12.34 -42.03
N SER A 679 35.29 -13.26 -42.97
CA SER A 679 34.43 -14.41 -43.15
C SER A 679 35.02 -15.67 -42.50
N LEU A 680 34.28 -16.27 -41.58
CA LEU A 680 34.75 -17.48 -40.90
C LEU A 680 34.01 -18.68 -41.36
N GLU A 681 34.76 -19.69 -41.78
CA GLU A 681 34.20 -20.97 -42.18
C GLU A 681 34.84 -22.02 -41.31
N VAL A 682 34.03 -22.95 -40.80
CA VAL A 682 34.50 -24.02 -39.94
C VAL A 682 34.01 -25.34 -40.59
N SER A 683 34.95 -26.23 -40.96
CA SER A 683 34.59 -27.47 -41.63
C SER A 683 33.78 -28.44 -40.76
N GLN A 684 33.15 -29.41 -41.40
CA GLN A 684 32.33 -30.40 -40.71
C GLN A 684 33.15 -31.17 -39.67
N GLU A 685 34.34 -31.60 -40.06
CA GLU A 685 35.22 -32.36 -39.17
C GLU A 685 35.60 -31.52 -37.95
N ALA A 686 35.88 -30.24 -38.19
CA ALA A 686 36.22 -29.32 -37.12
C ALA A 686 35.01 -29.11 -36.20
N ARG A 687 33.81 -29.09 -36.79
CA ARG A 687 32.58 -28.93 -35.98
C ARG A 687 32.38 -30.18 -35.12
N ASN A 688 32.68 -31.37 -35.71
CA ASN A 688 32.61 -32.64 -34.98
C ASN A 688 33.56 -32.58 -33.79
N TRP A 689 34.75 -32.07 -34.05
CA TRP A 689 35.80 -31.93 -33.06
C TRP A 689 35.40 -31.02 -31.90
N LEU A 690 34.76 -29.90 -32.23
CA LEU A 690 34.31 -28.97 -31.22
C LEU A 690 33.19 -29.61 -30.37
N ALA A 691 32.31 -30.36 -31.03
CA ALA A 691 31.20 -31.05 -30.36
C ALA A 691 31.71 -32.05 -29.34
N GLU A 692 32.72 -32.81 -29.74
CA GLU A 692 33.29 -33.80 -28.88
C GLU A 692 34.01 -33.18 -27.68
N LYS A 693 34.73 -32.09 -27.93
CA LYS A 693 35.53 -31.44 -26.89
C LYS A 693 34.71 -30.53 -25.92
N GLY A 694 33.60 -29.99 -26.40
CA GLY A 694 32.80 -29.08 -25.61
C GLY A 694 31.62 -29.70 -24.89
N TYR A 695 31.48 -31.00 -24.99
CA TYR A 695 30.38 -31.70 -24.32
C TYR A 695 30.85 -32.89 -23.52
N ASP A 696 30.35 -33.00 -22.30
CA ASP A 696 30.67 -34.12 -21.40
C ASP A 696 29.34 -34.57 -20.77
N ARG A 697 29.13 -35.88 -20.67
CA ARG A 697 27.87 -36.41 -20.12
C ARG A 697 27.64 -35.88 -18.70
N ALA A 698 28.72 -35.65 -17.98
CA ALA A 698 28.64 -35.17 -16.62
C ALA A 698 28.56 -33.64 -16.51
N MET A 699 29.00 -32.94 -17.55
CA MET A 699 28.99 -31.47 -17.52
C MET A 699 28.09 -30.85 -18.57
N GLY A 700 27.50 -31.68 -19.42
CA GLY A 700 26.65 -31.17 -20.49
C GLY A 700 27.47 -30.28 -21.42
N ALA A 701 26.86 -29.21 -21.89
CA ALA A 701 27.53 -28.29 -22.79
C ALA A 701 28.24 -27.15 -22.01
N ARG A 702 28.48 -27.36 -20.73
CA ARG A 702 29.18 -26.35 -19.91
C ARG A 702 30.61 -25.94 -20.40
N PRO A 703 31.42 -26.91 -20.89
CA PRO A 703 32.77 -26.58 -21.37
C PRO A 703 32.80 -25.98 -22.77
N MET A 704 31.64 -25.91 -23.44
CA MET A 704 31.57 -25.38 -24.81
C MET A 704 32.10 -23.94 -25.00
N ALA A 705 31.73 -23.01 -24.10
CA ALA A 705 32.18 -21.61 -24.21
C ALA A 705 33.70 -21.48 -24.23
N ARG A 706 34.35 -22.14 -23.27
CA ARG A 706 35.80 -22.16 -23.16
C ARG A 706 36.45 -22.79 -24.40
N VAL A 707 35.87 -23.89 -24.85
CA VAL A 707 36.38 -24.61 -26.01
C VAL A 707 36.29 -23.75 -27.31
N ILE A 708 35.25 -22.96 -27.42
CA ILE A 708 35.07 -22.08 -28.58
C ILE A 708 36.04 -20.91 -28.47
N GLN A 709 36.21 -20.41 -27.26
CA GLN A 709 37.09 -19.31 -27.01
C GLN A 709 38.56 -19.71 -27.31
N ASP A 710 38.99 -20.84 -26.76
CA ASP A 710 40.35 -21.29 -26.94
C ASP A 710 40.69 -21.75 -28.39
N ASN A 711 39.74 -22.38 -29.07
CA ASN A 711 40.02 -22.93 -30.40
C ASN A 711 39.51 -22.13 -31.62
N LEU A 712 38.65 -21.14 -31.39
CA LEU A 712 38.09 -20.32 -32.50
C LEU A 712 38.35 -18.84 -32.35
N LYS A 713 38.41 -18.34 -31.12
CA LYS A 713 38.61 -16.89 -30.89
C LYS A 713 40.08 -16.45 -30.65
N LYS A 714 40.75 -17.07 -29.70
CA LYS A 714 42.11 -16.71 -29.41
C LYS A 714 43.08 -16.82 -30.62
N PRO A 715 42.99 -17.91 -31.42
CA PRO A 715 43.87 -18.07 -32.59
C PRO A 715 43.67 -17.01 -33.70
N LEU A 716 42.65 -16.15 -33.56
CA LEU A 716 42.38 -15.12 -34.56
C LEU A 716 42.84 -13.78 -34.11
N ALA A 717 43.13 -13.65 -32.81
CA ALA A 717 43.52 -12.38 -32.23
C ALA A 717 44.73 -11.70 -32.93
N ASN A 718 45.85 -12.42 -33.03
CA ASN A 718 47.05 -11.87 -33.68
C ASN A 718 46.81 -11.42 -35.14
N GLU A 719 46.10 -12.26 -35.92
CA GLU A 719 45.83 -11.94 -37.31
C GLU A 719 44.89 -10.73 -37.49
N LEU A 720 43.95 -10.56 -36.55
CA LEU A 720 43.01 -9.44 -36.60
C LEU A 720 43.68 -8.13 -36.21
N LEU A 721 44.67 -8.21 -35.31
CA LEU A 721 45.33 -7.02 -34.82
C LEU A 721 46.54 -6.60 -35.62
N PHE A 722 47.42 -7.55 -35.94
CA PHE A 722 48.64 -7.24 -36.70
C PHE A 722 49.01 -8.30 -37.71
N GLY A 723 48.02 -8.76 -38.47
CA GLY A 723 48.25 -9.80 -39.46
C GLY A 723 47.40 -9.62 -40.70
N SER A 724 47.08 -10.73 -41.34
CA SER A 724 46.31 -10.74 -42.60
C SER A 724 44.88 -10.26 -42.50
N LEU A 725 44.27 -10.37 -41.33
CA LEU A 725 42.88 -9.98 -41.17
C LEU A 725 42.65 -8.52 -40.80
N VAL A 726 43.73 -7.75 -40.71
CA VAL A 726 43.62 -6.34 -40.32
C VAL A 726 42.56 -5.56 -41.14
N ASP A 727 42.59 -5.75 -42.48
CA ASP A 727 41.64 -5.06 -43.38
C ASP A 727 40.55 -5.98 -43.93
N GLY A 728 40.23 -7.04 -43.20
CA GLY A 728 39.24 -7.99 -43.64
C GLY A 728 39.89 -9.26 -44.16
N GLY A 729 39.07 -10.23 -44.58
CA GLY A 729 39.61 -11.46 -45.11
C GLY A 729 38.82 -12.69 -44.76
N GLN A 730 39.46 -13.85 -44.94
CA GLN A 730 38.83 -15.13 -44.70
C GLN A 730 39.63 -15.96 -43.76
N VAL A 731 38.91 -16.77 -42.95
CA VAL A 731 39.53 -17.72 -42.04
C VAL A 731 38.89 -19.08 -42.28
N THR A 732 39.70 -20.07 -42.55
CA THR A 732 39.19 -21.40 -42.72
C THR A 732 39.72 -22.27 -41.59
N VAL A 733 38.80 -22.84 -40.82
CA VAL A 733 39.17 -23.72 -39.73
C VAL A 733 38.86 -25.16 -40.12
N ALA A 734 39.88 -26.00 -40.14
CA ALA A 734 39.70 -27.39 -40.53
C ALA A 734 40.27 -28.33 -39.48
N LEU A 735 40.27 -29.62 -39.78
CA LEU A 735 40.79 -30.58 -38.86
C LEU A 735 41.91 -31.43 -39.45
N ASP A 736 43.02 -31.49 -38.72
CA ASP A 736 44.14 -32.33 -39.11
C ASP A 736 43.78 -33.72 -38.51
N LYS A 737 43.23 -34.60 -39.37
CA LYS A 737 42.73 -35.94 -38.96
C LYS A 737 43.57 -36.79 -38.01
N GLU A 738 44.73 -37.25 -38.46
CA GLU A 738 45.57 -38.08 -37.60
C GLU A 738 46.51 -37.25 -36.74
N LYS A 739 45.94 -36.29 -36.04
CA LYS A 739 46.68 -35.42 -35.17
C LYS A 739 45.66 -34.91 -34.16
N ASN A 740 44.39 -35.02 -34.53
CA ASN A 740 43.25 -34.58 -33.71
C ASN A 740 43.44 -33.18 -33.17
N GLU A 741 43.79 -32.26 -34.06
CA GLU A 741 44.03 -30.88 -33.70
C GLU A 741 43.54 -29.98 -34.84
N LEU A 742 43.01 -28.81 -34.49
CA LEU A 742 42.46 -27.88 -35.49
C LEU A 742 43.49 -27.21 -36.42
N THR A 743 43.07 -26.92 -37.64
CA THR A 743 43.90 -26.27 -38.64
C THR A 743 43.36 -24.85 -38.90
N TYR A 744 44.28 -23.90 -39.14
CA TYR A 744 43.88 -22.51 -39.37
C TYR A 744 44.48 -21.93 -40.63
N GLY A 745 43.61 -21.51 -41.55
CA GLY A 745 44.06 -20.91 -42.80
C GLY A 745 43.58 -19.49 -42.88
N PHE A 746 44.45 -18.60 -43.32
CA PHE A 746 44.13 -17.19 -43.41
C PHE A 746 44.36 -16.62 -44.80
N GLN A 747 43.53 -15.68 -45.18
CA GLN A 747 43.69 -14.99 -46.44
C GLN A 747 43.23 -13.56 -46.28
N SER A 748 44.08 -12.63 -46.64
CA SER A 748 43.78 -11.21 -46.51
C SER A 748 42.70 -10.77 -47.48
N ALA A 749 42.11 -9.60 -47.21
CA ALA A 749 41.16 -9.01 -48.11
C ALA A 749 41.97 -8.39 -49.23
N GLN A 750 42.86 -9.19 -49.78
CA GLN A 750 43.68 -8.81 -50.89
C GLN A 750 43.74 -10.03 -51.76
N LYS A 751 42.66 -10.85 -51.62
CA LYS A 751 42.44 -12.07 -52.42
C LYS A 751 43.66 -12.65 -53.12
MG MG B . -1.38 8.65 10.66
MG MG C . 20.85 -25.80 -13.33
MG MG D . 25.59 -23.40 -6.54
PB ADP E . -3.64 6.31 11.31
O1B ADP E . -2.99 7.48 11.91
O2B ADP E . -3.99 5.27 12.39
O3B ADP E . -2.72 5.68 10.27
PA ADP E . -5.38 8.26 10.44
O1A ADP E . -5.49 8.95 11.76
O2A ADP E . -4.43 8.95 9.46
O3A ADP E . -4.99 6.75 10.62
O5' ADP E . -6.80 8.12 9.80
C5' ADP E . -6.95 7.67 8.48
C4' ADP E . -7.95 8.57 7.76
O4' ADP E . -9.25 8.34 8.29
C3' ADP E . -7.66 10.04 7.98
O3' ADP E . -8.26 10.65 6.96
C2' ADP E . -8.48 10.40 9.15
O2' ADP E . -8.87 11.72 9.06
C1' ADP E . -9.71 9.50 8.99
N9 ADP E . -10.26 9.08 10.27
C8 ADP E . -9.79 8.07 11.09
N7 ADP E . -10.61 8.01 12.18
C5 ADP E . -11.57 8.93 12.03
C6 ADP E . -12.62 9.31 12.82
N6 ADP E . -12.94 8.60 13.93
N1 ADP E . -13.43 10.33 12.40
C2 ADP E . -13.19 10.94 11.21
N3 ADP E . -12.14 10.57 10.44
C4 ADP E . -11.34 9.60 10.83
PB ADP F . 22.20 -26.06 -16.68
O1B ADP F . 21.56 -24.98 -15.93
O2B ADP F . 21.12 -26.92 -17.35
O3B ADP F . 23.08 -26.89 -15.75
PA ADP F . 23.08 -24.10 -18.53
O1A ADP F . 21.66 -23.75 -18.89
O2A ADP F . 23.70 -23.09 -17.69
O3A ADP F . 23.18 -25.53 -17.84
O5' ADP F . 23.93 -24.36 -19.85
C5' ADP F . 25.36 -24.31 -19.76
C4' ADP F . 25.91 -23.66 -21.03
O4' ADP F . 25.95 -24.60 -22.10
C3' ADP F . 24.96 -22.59 -21.47
O3' ADP F . 25.42 -21.34 -21.05
C2' ADP F . 24.89 -22.69 -22.95
O2' ADP F . 25.92 -21.88 -23.49
C1' ADP F . 25.25 -24.10 -23.26
N9 ADP F . 24.05 -24.92 -23.42
C8 ADP F . 23.71 -25.96 -22.61
N7 ADP F . 22.59 -26.54 -23.06
C5 ADP F . 22.20 -25.89 -24.16
C6 ADP F . 21.12 -26.07 -24.94
N6 ADP F . 20.12 -26.82 -24.47
N1 ADP F . 20.93 -25.25 -26.02
C2 ADP F . 21.84 -24.24 -26.27
N3 ADP F . 22.93 -24.06 -25.45
C4 ADP F . 23.11 -24.86 -24.41
#